data_3J6H
#
_entry.id   3J6H
#
_cell.length_a   1.000
_cell.length_b   1.000
_cell.length_c   1.000
_cell.angle_alpha   90.00
_cell.angle_beta   90.00
_cell.angle_gamma   90.00
#
_symmetry.space_group_name_H-M   'P 1'
#
loop_
_entity.id
_entity.type
_entity.pdbx_description
1 polymer 'Tubulin alpha-1A chain'
2 polymer 'Tubulin beta chain'
3 polymer 'Kinesin heavy chain isoform 5C'
4 non-polymer 'MAGNESIUM ION'
5 non-polymer "GUANOSINE-5'-TRIPHOSPHATE"
6 non-polymer 'PHOSPHOMETHYLPHOSPHONIC ACID GUANYLATE ESTER'
7 non-polymer 'SULFATE ION'
#
loop_
_entity_poly.entity_id
_entity_poly.type
_entity_poly.pdbx_seq_one_letter_code
_entity_poly.pdbx_strand_id
1 'polypeptide(L)'
;RECISIHVGQAGVQIGNACWELYCLEHGIQPDGQMPSDKTIGGGDDSFNTFFSETGAGKHVPRAVFVDLEPTVIDEVRTG
TYRQLFHPEQLITGKEDAANNYARGHYTIGKEIIDLVLDRIRKLADQCTGLQGFSVFHSFGGGTGSGFTSLLMERLSVDY
GKKSKLEFSIYPAPQVSTAVVEPYNSILTTHTTLEHSDCAFMVDNEAIYDICRRNLDIERPTYTNLNRLIGQIVSSITAS
LRFDGALNVDLTEFQTNLVPYPRGHFPLATYAPVISAEKAYHEQLSVAEITNACFEPANQMVKCDPRHGKYMACCLLYRG
DVVPKDVNAAIATIKTKRTIQFVDWCPTGFKVGINYEPPTVVPGGDLAKVQRAVCMLSNTTAIAEAWARLDHKFDLMYAK
RAFVHWYVGEGMEEGEFSEAREDMAALEKDYEEVGV
;
A
2 'polypeptide(L)'
;REIVHIQAGQCGNQIGAKFWEVISDEHGIDPTGSYHGDSDLQLERINVYYNEAAGNKYVPRAILVDLEPGTMDSVRSGPF
GQIFRPDNFVFGQSGAGNNWAKGHYTEGAELVDSVLDVVRKESESCDCLQGFQLTHSLGGGTGSGMGTLLISKIREEYPD
RIMNTFSVVPSPKVSDTVVEPYNATLSVHQLVENTDETYCIDNEALYDICFRTLKLTTPTYGDLNHLVSATMSGVTTCLR
FPGQLNADLRKLAVNMVPFPRLHFFMPGFAPLTSRGSQQYRALTVPELTQQMFDAKNMMAACDPRHGRYLTVAAVFRGRM
SMKEVDEQMLNVQNKNSSYFVEWIPNNVKTAVCDIPPRGLKMSATFIGNSTAIQELFKRISEQFTAMFRRKAFLHWYTGE
GMDEMEFTEAESNMNDLVSEYQQYQD
;
B
3 'polypeptide(L)'
;MADPAECSIKVMCRFRPLNEAEILRGDKFIPKFKGEETVVIGQGKPYVFDRVLPPNTTQEQVYNACAKQIVKDVLEGYNG
TIFAYGQTSSGKTHTMEGKLHDPQLMGIIPRIAHDIFDHIYSMDENLEFHIKVSYFEIYLDKIRDLLDVSKTNLAVHEDK
NRVPYVKGCTERFVSSPEEVMDVIDEGKANRHVAVTNMNEHSSRSHSIFLINIKQENVETEKKLSGKLYLVDLAGSEKVS
KTGAEGAVLDEAKNINKSLSALGNVISALAEGTKTHVPYRDSKMTRILQDSLGGNCRTTIVICCSPSVFNEAETKSTLMF
GQRAKTIKNTVSVNLELTAEEWKKKHHHHHHH
;
K
#
loop_
_chem_comp.id
_chem_comp.type
_chem_comp.name
_chem_comp.formula
G2P non-polymer 'PHOSPHOMETHYLPHOSPHONIC ACID GUANYLATE ESTER' 'C11 H18 N5 O13 P3'
GTP non-polymer GUANOSINE-5'-TRIPHOSPHATE 'C10 H16 N5 O14 P3'
MG non-polymer 'MAGNESIUM ION' 'Mg 2'
SO4 non-polymer 'SULFATE ION' 'O4 S -2'
#
# COMPACT_ATOMS: atom_id res chain seq x y z
N ARG A 1 -22.75 13.87 -35.55
CA ARG A 1 -23.95 13.01 -35.44
C ARG A 1 -23.75 11.79 -34.55
N GLU A 2 -22.76 10.95 -34.93
CA GLU A 2 -22.54 9.65 -34.37
C GLU A 2 -21.45 9.77 -33.39
N CYS A 3 -21.22 8.69 -32.69
CA CYS A 3 -20.22 8.80 -31.70
C CYS A 3 -19.40 7.61 -31.82
N ILE A 4 -18.44 7.57 -30.90
CA ILE A 4 -17.77 6.36 -30.61
C ILE A 4 -17.90 6.26 -29.12
N SER A 5 -17.40 5.19 -28.52
CA SER A 5 -17.38 4.78 -27.14
C SER A 5 -16.16 3.92 -26.85
N ILE A 6 -15.50 4.21 -25.75
CA ILE A 6 -14.31 3.46 -25.35
C ILE A 6 -14.53 2.86 -23.98
N HIS A 7 -14.80 1.57 -23.96
CA HIS A 7 -15.04 0.84 -22.74
C HIS A 7 -13.69 0.40 -22.15
N VAL A 8 -13.27 1.08 -21.08
CA VAL A 8 -11.99 0.78 -20.47
C VAL A 8 -12.08 0.12 -19.09
N GLY A 9 -11.25 -0.91 -18.90
CA GLY A 9 -11.22 -1.65 -17.65
C GLY A 9 -12.15 -2.84 -17.72
N GLN A 10 -11.78 -3.96 -17.09
CA GLN A 10 -12.65 -5.12 -17.14
C GLN A 10 -14.09 -4.67 -16.97
N ALA A 11 -14.36 -3.99 -15.86
CA ALA A 11 -15.71 -3.53 -15.58
C ALA A 11 -16.32 -2.77 -16.76
N GLY A 12 -15.68 -1.67 -17.13
CA GLY A 12 -16.16 -0.86 -18.23
C GLY A 12 -16.42 -1.69 -19.46
N VAL A 13 -15.85 -2.88 -19.47
CA VAL A 13 -15.98 -3.83 -20.56
C VAL A 13 -17.18 -4.76 -20.33
N GLN A 14 -17.41 -5.14 -19.06
CA GLN A 14 -18.53 -6.00 -18.71
C GLN A 14 -19.80 -5.19 -18.91
N ILE A 15 -19.77 -3.97 -18.39
CA ILE A 15 -20.86 -3.03 -18.53
C ILE A 15 -21.00 -2.79 -20.02
N GLY A 16 -19.87 -2.73 -20.71
CA GLY A 16 -19.86 -2.51 -22.13
C GLY A 16 -20.60 -3.61 -22.86
N ASN A 17 -20.22 -4.85 -22.59
CA ASN A 17 -20.85 -5.99 -23.24
C ASN A 17 -22.36 -5.89 -23.01
N ALA A 18 -22.74 -5.40 -21.84
CA ALA A 18 -24.15 -5.26 -21.45
C ALA A 18 -24.88 -4.17 -22.22
N CYS A 19 -24.38 -2.95 -22.11
CA CYS A 19 -24.96 -1.82 -22.80
C CYS A 19 -24.95 -2.15 -24.28
N TRP A 20 -23.90 -2.85 -24.69
CA TRP A 20 -23.81 -3.21 -26.09
C TRP A 20 -24.83 -4.26 -26.47
N GLU A 21 -25.24 -5.04 -25.49
CA GLU A 21 -26.24 -6.06 -25.72
C GLU A 21 -27.58 -5.38 -25.93
N LEU A 22 -28.05 -4.71 -24.87
CA LEU A 22 -29.33 -4.03 -24.94
C LEU A 22 -29.49 -3.38 -26.31
N TYR A 23 -28.41 -2.84 -26.85
CA TYR A 23 -28.48 -2.19 -28.15
C TYR A 23 -29.12 -2.99 -29.27
N CYS A 24 -28.36 -3.90 -29.86
CA CYS A 24 -28.86 -4.70 -30.95
C CYS A 24 -30.25 -5.22 -30.62
N LEU A 25 -30.44 -5.57 -29.35
CA LEU A 25 -31.70 -6.10 -28.85
C LEU A 25 -32.92 -5.24 -29.19
N GLU A 26 -32.71 -3.93 -29.24
CA GLU A 26 -33.79 -3.00 -29.55
C GLU A 26 -33.57 -2.34 -30.90
N HIS A 27 -32.76 -2.98 -31.74
CA HIS A 27 -32.49 -2.49 -33.08
C HIS A 27 -32.56 -3.62 -34.11
N GLY A 28 -33.05 -4.77 -33.65
CA GLY A 28 -33.23 -5.92 -34.52
C GLY A 28 -31.99 -6.43 -35.27
N ILE A 29 -30.84 -6.30 -34.63
CA ILE A 29 -29.58 -6.73 -35.23
C ILE A 29 -28.97 -7.84 -34.36
N GLN A 30 -29.37 -9.08 -34.65
CA GLN A 30 -28.94 -10.28 -33.96
C GLN A 30 -27.41 -10.42 -33.91
N PRO A 31 -26.91 -11.51 -33.29
CA PRO A 31 -25.46 -11.80 -33.15
C PRO A 31 -24.57 -11.26 -34.23
N ASP A 32 -24.87 -11.71 -35.46
CA ASP A 32 -24.14 -11.34 -36.65
C ASP A 32 -25.03 -10.54 -37.62
N GLY A 33 -24.93 -9.22 -37.57
CA GLY A 33 -25.72 -8.38 -38.45
C GLY A 33 -24.89 -7.60 -39.45
N HIS A 60 -24.44 -5.51 -37.84
CA HIS A 60 -23.78 -4.63 -38.80
C HIS A 60 -22.31 -4.54 -38.40
N VAL A 61 -21.98 -3.49 -37.63
CA VAL A 61 -20.64 -3.22 -37.14
C VAL A 61 -20.82 -2.23 -35.98
N PRO A 62 -20.20 -2.52 -34.84
CA PRO A 62 -20.32 -1.60 -33.68
C PRO A 62 -19.79 -0.22 -34.02
N ARG A 63 -19.33 0.50 -32.99
CA ARG A 63 -18.80 1.83 -33.22
C ARG A 63 -18.06 2.22 -31.95
N ALA A 64 -17.30 1.28 -31.42
CA ALA A 64 -16.56 1.51 -30.19
C ALA A 64 -15.31 0.65 -30.09
N VAL A 65 -14.66 0.71 -28.93
CA VAL A 65 -13.48 -0.10 -28.72
C VAL A 65 -13.43 -0.65 -27.30
N PHE A 66 -12.54 -1.61 -27.08
CA PHE A 66 -12.40 -2.25 -25.77
C PHE A 66 -10.94 -2.33 -25.31
N VAL A 67 -10.65 -1.68 -24.18
CA VAL A 67 -9.30 -1.66 -23.64
C VAL A 67 -9.14 -2.32 -22.26
N ASP A 68 -8.07 -3.08 -22.10
CA ASP A 68 -7.78 -3.76 -20.84
C ASP A 68 -6.35 -4.32 -20.86
N LEU A 69 -5.71 -4.31 -19.70
CA LEU A 69 -4.35 -4.80 -19.56
C LEU A 69 -4.35 -6.22 -18.99
N GLU A 70 -5.52 -6.84 -19.00
CA GLU A 70 -5.70 -8.22 -18.55
C GLU A 70 -6.45 -8.86 -19.70
N PRO A 71 -5.77 -9.69 -20.47
CA PRO A 71 -6.40 -10.34 -21.61
C PRO A 71 -7.67 -11.13 -21.33
N THR A 72 -7.61 -12.05 -20.37
CA THR A 72 -8.76 -12.88 -20.05
C THR A 72 -10.14 -12.22 -20.04
N VAL A 73 -10.22 -10.93 -19.76
CA VAL A 73 -11.54 -10.26 -19.72
C VAL A 73 -12.11 -9.82 -21.06
N ILE A 74 -11.26 -9.23 -21.90
CA ILE A 74 -11.65 -8.77 -23.23
C ILE A 74 -11.85 -10.05 -24.01
N ASP A 75 -11.17 -11.10 -23.57
CA ASP A 75 -11.29 -12.40 -24.20
C ASP A 75 -12.75 -12.85 -24.05
N GLU A 76 -13.37 -12.49 -22.92
CA GLU A 76 -14.76 -12.87 -22.69
C GLU A 76 -15.67 -12.31 -23.76
N VAL A 77 -15.20 -11.25 -24.43
CA VAL A 77 -15.97 -10.65 -25.49
C VAL A 77 -15.54 -11.34 -26.76
N ARG A 78 -14.41 -12.04 -26.67
CA ARG A 78 -13.84 -12.78 -27.79
C ARG A 78 -14.27 -14.26 -27.76
N THR A 79 -14.76 -14.70 -26.60
CA THR A 79 -15.20 -16.09 -26.44
C THR A 79 -16.72 -16.18 -26.28
N GLY A 80 -17.27 -15.37 -25.38
CA GLY A 80 -18.70 -15.39 -25.13
C GLY A 80 -19.60 -14.77 -26.19
N THR A 81 -20.81 -14.43 -25.76
CA THR A 81 -21.81 -13.84 -26.65
C THR A 81 -21.27 -12.61 -27.35
N TYR A 82 -21.98 -12.15 -28.38
CA TYR A 82 -21.57 -10.98 -29.15
C TYR A 82 -20.10 -11.11 -29.50
N ARG A 83 -19.74 -12.31 -29.92
CA ARG A 83 -18.39 -12.68 -30.28
C ARG A 83 -17.94 -12.09 -31.63
N GLN A 84 -18.74 -12.35 -32.67
CA GLN A 84 -18.41 -11.88 -34.03
C GLN A 84 -19.02 -10.53 -34.42
N LEU A 85 -19.61 -9.83 -33.46
CA LEU A 85 -20.20 -8.53 -33.75
C LEU A 85 -19.13 -7.45 -33.61
N PHE A 86 -17.90 -7.87 -33.34
CA PHE A 86 -16.78 -6.94 -33.18
C PHE A 86 -15.62 -7.29 -34.07
N HIS A 87 -14.78 -6.30 -34.30
CA HIS A 87 -13.59 -6.46 -35.10
C HIS A 87 -12.43 -6.61 -34.16
N PRO A 88 -11.66 -7.69 -34.32
CA PRO A 88 -10.51 -7.90 -33.44
C PRO A 88 -9.61 -6.67 -33.42
N GLU A 89 -10.05 -5.63 -34.12
CA GLU A 89 -9.30 -4.39 -34.20
C GLU A 89 -9.78 -3.40 -33.14
N GLN A 90 -11.05 -3.49 -32.75
CA GLN A 90 -11.62 -2.60 -31.74
C GLN A 90 -11.61 -3.28 -30.38
N LEU A 91 -10.75 -4.29 -30.27
CA LEU A 91 -10.56 -5.04 -29.03
C LEU A 91 -9.08 -5.01 -28.68
N ILE A 92 -8.69 -4.00 -27.89
CA ILE A 92 -7.30 -3.84 -27.48
C ILE A 92 -7.02 -4.54 -26.15
N THR A 93 -5.88 -5.23 -26.09
CA THR A 93 -5.45 -5.95 -24.90
C THR A 93 -3.94 -5.85 -24.71
N GLY A 94 -3.52 -5.92 -23.46
CA GLY A 94 -2.11 -5.88 -23.14
C GLY A 94 -1.82 -7.09 -22.28
N LYS A 95 -1.64 -8.24 -22.92
CA LYS A 95 -1.37 -9.52 -22.25
C LYS A 95 -0.68 -9.38 -20.91
N GLU A 96 0.06 -8.29 -20.77
CA GLU A 96 0.82 -7.99 -19.58
C GLU A 96 0.03 -8.06 -18.30
N ASP A 97 0.15 -7.04 -17.47
CA ASP A 97 -0.51 -7.05 -16.18
C ASP A 97 -1.44 -5.86 -15.93
N ALA A 98 -2.59 -6.16 -15.33
CA ALA A 98 -3.57 -5.13 -15.01
C ALA A 98 -3.09 -4.22 -13.87
N ALA A 99 -2.99 -4.79 -12.68
CA ALA A 99 -2.53 -4.09 -11.47
C ALA A 99 -3.56 -3.14 -10.95
N ASN A 100 -4.11 -3.44 -9.77
CA ASN A 100 -5.14 -2.55 -9.26
C ASN A 100 -4.58 -1.26 -8.75
N ASN A 101 -3.67 -0.69 -9.52
CA ASN A 101 -3.08 0.57 -9.14
C ASN A 101 -2.94 1.53 -10.31
N TYR A 102 -3.50 2.72 -10.12
CA TYR A 102 -3.54 3.75 -11.15
C TYR A 102 -2.19 3.98 -11.83
N ALA A 103 -1.18 4.32 -11.04
CA ALA A 103 0.15 4.58 -11.57
C ALA A 103 0.54 3.57 -12.65
N ARG A 104 0.80 2.33 -12.21
CA ARG A 104 1.20 1.27 -13.13
C ARG A 104 0.35 1.26 -14.40
N GLY A 105 -0.94 1.54 -14.25
CA GLY A 105 -1.85 1.55 -15.37
C GLY A 105 -1.73 2.80 -16.23
N HIS A 106 -1.72 3.95 -15.57
CA HIS A 106 -1.63 5.23 -16.27
C HIS A 106 -0.24 5.35 -16.87
N TYR A 107 0.76 5.52 -16.00
CA TYR A 107 2.16 5.66 -16.40
C TYR A 107 2.72 4.34 -16.92
N THR A 108 3.72 3.81 -16.21
CA THR A 108 4.39 2.56 -16.56
C THR A 108 3.74 1.69 -17.63
N ILE A 109 2.93 0.71 -17.25
CA ILE A 109 2.35 -0.15 -18.23
C ILE A 109 1.35 0.50 -19.17
N GLY A 110 0.17 0.85 -18.65
CA GLY A 110 -0.84 1.47 -19.48
C GLY A 110 -0.34 2.31 -20.64
N LYS A 111 0.81 2.94 -20.46
CA LYS A 111 1.39 3.80 -21.49
C LYS A 111 1.59 3.07 -22.81
N GLU A 112 2.36 1.98 -22.76
CA GLU A 112 2.66 1.18 -23.93
C GLU A 112 1.50 0.96 -24.90
N ILE A 113 0.30 0.76 -24.37
CA ILE A 113 -0.87 0.48 -25.19
C ILE A 113 -1.56 1.71 -25.78
N ILE A 114 -1.66 2.77 -24.98
CA ILE A 114 -2.32 4.01 -25.38
C ILE A 114 -2.23 4.36 -26.85
N ASP A 115 -1.01 4.53 -27.38
CA ASP A 115 -0.84 4.85 -28.79
C ASP A 115 -1.87 4.02 -29.54
N LEU A 116 -1.58 2.73 -29.60
CA LEU A 116 -2.42 1.76 -30.27
C LEU A 116 -3.88 2.03 -29.97
N VAL A 117 -4.21 2.22 -28.70
CA VAL A 117 -5.60 2.50 -28.31
C VAL A 117 -6.07 3.68 -29.15
N LEU A 118 -5.44 4.83 -28.94
CA LEU A 118 -5.79 6.04 -29.67
C LEU A 118 -6.02 5.73 -31.14
N ASP A 119 -5.01 5.13 -31.77
CA ASP A 119 -5.09 4.79 -33.17
C ASP A 119 -6.49 4.35 -33.60
N ARG A 120 -7.15 3.53 -32.80
CA ARG A 120 -8.49 3.09 -33.16
C ARG A 120 -9.50 4.22 -33.04
N ILE A 121 -9.39 5.00 -31.98
CA ILE A 121 -10.32 6.10 -31.75
C ILE A 121 -9.98 7.28 -32.66
N ARG A 122 -9.08 7.02 -33.60
CA ARG A 122 -8.65 8.02 -34.60
C ARG A 122 -8.91 7.37 -35.96
N LYS A 123 -8.95 6.04 -35.96
CA LYS A 123 -9.20 5.25 -37.15
C LYS A 123 -10.70 5.04 -37.26
N LEU A 124 -11.37 4.95 -36.11
CA LEU A 124 -12.82 4.77 -36.02
C LEU A 124 -13.47 6.13 -36.04
N ALA A 125 -12.70 7.16 -35.65
CA ALA A 125 -13.22 8.53 -35.62
C ALA A 125 -13.18 9.18 -36.99
N ASP A 126 -12.39 8.61 -37.87
CA ASP A 126 -12.24 9.12 -39.23
C ASP A 126 -13.33 8.56 -40.12
N GLN A 127 -13.40 7.23 -40.16
CA GLN A 127 -14.37 6.51 -40.97
C GLN A 127 -15.79 7.10 -40.98
N CYS A 128 -16.22 7.64 -39.85
CA CYS A 128 -17.57 8.21 -39.71
C CYS A 128 -17.86 9.50 -40.51
N THR A 129 -18.94 10.18 -40.14
CA THR A 129 -19.37 11.43 -40.78
C THR A 129 -19.74 12.45 -39.71
N GLY A 130 -18.92 13.49 -39.56
CA GLY A 130 -19.19 14.50 -38.55
C GLY A 130 -19.73 13.90 -37.27
N LEU A 131 -18.84 13.46 -36.39
CA LEU A 131 -19.22 12.86 -35.11
C LEU A 131 -19.49 13.93 -34.06
N GLN A 132 -19.84 13.50 -32.86
CA GLN A 132 -20.14 14.42 -31.77
C GLN A 132 -19.26 14.18 -30.53
N GLY A 133 -18.75 12.97 -30.39
CA GLY A 133 -17.92 12.68 -29.24
C GLY A 133 -17.74 11.20 -28.94
N PHE A 134 -16.84 11.11 -27.95
CA PHE A 134 -16.25 9.95 -27.38
C PHE A 134 -17.15 9.52 -26.28
N SER A 135 -16.77 8.41 -25.66
CA SER A 135 -17.54 7.87 -24.60
C SER A 135 -16.63 7.27 -23.66
N VAL A 136 -16.51 7.66 -22.41
CA VAL A 136 -15.62 6.69 -21.83
C VAL A 136 -16.35 5.79 -20.87
N PHE A 137 -16.43 4.45 -21.17
CA PHE A 137 -16.94 3.62 -20.07
C PHE A 137 -15.83 3.07 -19.19
N HIS A 138 -15.70 3.62 -17.99
CA HIS A 138 -14.65 3.15 -17.07
C HIS A 138 -15.15 2.99 -15.65
N SER A 139 -14.36 2.28 -14.85
CA SER A 139 -14.70 2.01 -13.46
C SER A 139 -13.81 2.66 -12.41
N PHE A 140 -13.87 3.99 -12.37
CA PHE A 140 -13.12 4.79 -11.41
C PHE A 140 -12.04 4.12 -10.58
N GLY A 141 -12.43 3.22 -9.68
CA GLY A 141 -11.46 2.57 -8.81
C GLY A 141 -10.82 1.27 -9.27
N GLY A 142 -10.13 1.31 -10.41
CA GLY A 142 -9.48 0.12 -10.90
C GLY A 142 -8.08 0.47 -11.32
N GLY A 143 -7.42 -0.43 -12.03
CA GLY A 143 -6.08 -0.15 -12.49
C GLY A 143 -6.16 0.31 -13.93
N THR A 144 -6.72 -0.54 -14.79
CA THR A 144 -6.88 -0.24 -16.20
C THR A 144 -7.99 0.77 -16.38
N GLY A 145 -8.91 0.82 -15.43
CA GLY A 145 -10.02 1.74 -15.56
C GLY A 145 -9.78 3.17 -15.10
N SER A 146 -9.04 3.31 -14.01
CA SER A 146 -8.73 4.61 -13.46
C SER A 146 -7.56 5.20 -14.24
N GLY A 147 -6.39 4.61 -14.02
CA GLY A 147 -5.17 5.06 -14.65
C GLY A 147 -5.31 5.24 -16.14
N PHE A 148 -5.14 4.16 -16.89
CA PHE A 148 -5.23 4.23 -18.35
C PHE A 148 -6.11 5.36 -18.88
N THR A 149 -7.42 5.19 -18.76
CA THR A 149 -8.35 6.20 -19.25
C THR A 149 -7.81 7.56 -18.94
N SER A 150 -7.45 7.76 -17.68
CA SER A 150 -6.92 9.04 -17.26
C SER A 150 -6.13 9.65 -18.41
N LEU A 151 -5.21 8.89 -19.00
CA LEU A 151 -4.45 9.44 -20.09
C LEU A 151 -5.12 9.28 -21.46
N LEU A 152 -6.10 8.39 -21.54
CA LEU A 152 -6.82 8.20 -22.80
C LEU A 152 -7.66 9.45 -23.00
N MET A 153 -8.51 9.76 -22.03
CA MET A 153 -9.33 10.94 -22.09
C MET A 153 -8.38 12.11 -22.20
N GLU A 154 -7.23 11.95 -21.56
CA GLU A 154 -6.21 12.99 -21.54
C GLU A 154 -5.80 13.26 -22.97
N ARG A 155 -5.32 12.25 -23.66
CA ARG A 155 -4.89 12.41 -25.05
C ARG A 155 -6.03 12.79 -26.03
N LEU A 156 -7.28 12.66 -25.60
CA LEU A 156 -8.44 13.02 -26.42
C LEU A 156 -8.71 14.52 -26.35
N SER A 157 -8.81 15.03 -25.14
CA SER A 157 -9.06 16.44 -24.92
C SER A 157 -8.14 17.33 -25.73
N VAL A 158 -7.04 16.76 -26.20
CA VAL A 158 -6.08 17.54 -27.00
C VAL A 158 -6.23 17.24 -28.49
N ASP A 159 -6.52 15.99 -28.81
CA ASP A 159 -6.66 15.59 -30.20
C ASP A 159 -8.02 15.94 -30.78
N TYR A 160 -9.01 16.18 -29.92
CA TYR A 160 -10.34 16.55 -30.40
C TYR A 160 -10.99 17.49 -29.41
N GLY A 161 -10.26 18.48 -28.91
CA GLY A 161 -10.87 19.38 -27.95
C GLY A 161 -12.23 19.86 -28.41
N LYS A 162 -12.40 19.85 -29.74
CA LYS A 162 -13.60 20.30 -30.40
C LYS A 162 -14.74 19.29 -30.46
N LYS A 163 -15.00 18.61 -29.35
CA LYS A 163 -16.08 17.61 -29.31
C LYS A 163 -16.59 17.39 -27.90
N SER A 164 -17.41 16.35 -27.74
CA SER A 164 -17.97 16.02 -26.45
C SER A 164 -17.22 14.84 -25.84
N LYS A 165 -16.97 14.96 -24.54
CA LYS A 165 -16.28 13.94 -23.78
C LYS A 165 -17.13 13.58 -22.57
N LEU A 166 -18.14 12.77 -22.79
CA LEU A 166 -19.00 12.35 -21.72
C LEU A 166 -18.52 10.99 -21.27
N GLU A 167 -17.97 10.94 -20.06
CA GLU A 167 -17.47 9.68 -19.56
C GLU A 167 -18.45 9.11 -18.56
N PHE A 168 -18.88 7.90 -18.84
CA PHE A 168 -19.82 7.20 -17.99
C PHE A 168 -19.09 6.32 -16.98
N SER A 169 -19.00 6.82 -15.75
CA SER A 169 -18.29 6.10 -14.68
C SER A 169 -19.13 5.32 -13.68
N ILE A 170 -18.47 4.40 -12.99
CA ILE A 170 -19.06 3.54 -11.95
C ILE A 170 -18.18 3.79 -10.75
N TYR A 171 -18.49 4.87 -10.04
CA TYR A 171 -17.75 5.27 -8.86
C TYR A 171 -17.89 4.33 -7.66
N PRO A 172 -16.80 4.24 -6.92
CA PRO A 172 -16.64 3.52 -5.65
C PRO A 172 -17.85 3.38 -4.73
N ALA A 173 -18.24 2.13 -4.45
CA ALA A 173 -19.37 1.87 -3.57
C ALA A 173 -19.04 2.53 -2.25
N PRO A 174 -19.98 3.32 -1.73
CA PRO A 174 -19.85 4.06 -0.46
C PRO A 174 -19.31 3.30 0.77
N GLN A 175 -19.55 1.99 0.84
CA GLN A 175 -19.09 1.18 1.97
C GLN A 175 -18.67 -0.18 1.51
N VAL A 176 -19.19 -0.57 0.35
CA VAL A 176 -18.92 -1.87 -0.22
C VAL A 176 -17.93 -1.78 -1.36
N SER A 177 -16.74 -1.24 -1.09
CA SER A 177 -15.75 -1.14 -2.15
C SER A 177 -15.13 -2.52 -2.27
N THR A 178 -14.24 -2.69 -3.25
CA THR A 178 -13.61 -3.97 -3.44
C THR A 178 -12.11 -3.82 -3.19
N ALA A 179 -11.40 -3.26 -4.17
CA ALA A 179 -9.97 -3.06 -4.06
C ALA A 179 -9.68 -2.42 -2.71
N VAL A 180 -8.51 -2.71 -2.17
CA VAL A 180 -8.12 -2.18 -0.89
C VAL A 180 -7.72 -0.74 -1.04
N VAL A 181 -7.19 -0.41 -2.19
CA VAL A 181 -6.74 0.93 -2.50
C VAL A 181 -7.76 1.86 -3.14
N GLU A 182 -8.74 1.29 -3.84
CA GLU A 182 -9.82 2.00 -4.52
C GLU A 182 -9.69 3.53 -4.54
N PRO A 183 -9.74 4.20 -3.36
CA PRO A 183 -9.62 5.67 -3.36
C PRO A 183 -8.36 6.19 -4.05
N TYR A 184 -7.22 5.57 -3.80
CA TYR A 184 -6.01 6.01 -4.47
C TYR A 184 -6.32 6.07 -5.95
N ASN A 185 -6.90 5.00 -6.46
CA ASN A 185 -7.24 4.93 -7.88
C ASN A 185 -8.35 5.84 -8.35
N SER A 186 -9.19 6.32 -7.45
CA SER A 186 -10.31 7.17 -7.83
C SER A 186 -10.13 8.64 -7.54
N ILE A 187 -9.16 8.98 -6.71
CA ILE A 187 -8.92 10.37 -6.46
C ILE A 187 -8.00 10.77 -7.59
N LEU A 188 -7.37 9.75 -8.19
CA LEU A 188 -6.44 9.94 -9.28
C LEU A 188 -7.05 9.95 -10.66
N THR A 189 -8.17 9.27 -10.83
CA THR A 189 -8.81 9.26 -12.13
C THR A 189 -9.68 10.50 -12.24
N THR A 190 -10.06 11.06 -11.10
CA THR A 190 -10.90 12.24 -11.08
C THR A 190 -10.10 13.49 -11.43
N HIS A 191 -8.93 13.64 -10.81
CA HIS A 191 -8.10 14.82 -11.01
C HIS A 191 -7.46 14.92 -12.37
N THR A 192 -7.18 13.77 -12.95
CA THR A 192 -6.55 13.72 -14.27
C THR A 192 -7.57 13.83 -15.39
N THR A 193 -8.79 13.39 -15.13
CA THR A 193 -9.83 13.42 -16.14
C THR A 193 -10.64 14.72 -16.05
N LEU A 194 -10.72 15.27 -14.84
CA LEU A 194 -11.47 16.49 -14.55
C LEU A 194 -11.30 17.60 -15.56
N GLU A 195 -10.06 17.85 -15.92
CA GLU A 195 -9.71 18.89 -16.85
C GLU A 195 -9.75 18.40 -18.30
N HIS A 196 -10.46 17.33 -18.58
CA HIS A 196 -10.35 16.83 -19.89
C HIS A 196 -11.72 16.81 -20.35
N SER A 197 -12.56 16.67 -19.34
CA SER A 197 -13.95 16.78 -19.39
C SER A 197 -14.31 16.20 -18.11
N ASP A 198 -15.24 16.79 -17.37
CA ASP A 198 -15.57 15.91 -16.32
C ASP A 198 -16.82 15.25 -16.79
N CYS A 199 -17.97 15.61 -16.15
CA CYS A 199 -19.28 15.11 -16.45
C CYS A 199 -19.26 13.65 -16.25
N ALA A 200 -18.19 13.23 -15.55
CA ALA A 200 -18.00 11.87 -15.25
C ALA A 200 -19.03 11.60 -14.28
N PHE A 201 -20.01 10.84 -14.75
CA PHE A 201 -21.03 10.18 -13.94
C PHE A 201 -20.33 9.39 -12.85
N MET A 202 -20.89 9.35 -11.68
CA MET A 202 -20.07 8.55 -10.89
C MET A 202 -20.99 7.68 -10.06
N VAL A 203 -20.89 6.37 -10.24
CA VAL A 203 -21.77 5.44 -9.54
C VAL A 203 -21.01 4.52 -8.59
N ASP A 204 -21.40 4.53 -7.33
CA ASP A 204 -20.77 3.68 -6.32
C ASP A 204 -21.75 2.68 -5.75
N ASN A 205 -21.50 1.40 -6.01
CA ASN A 205 -22.38 0.33 -5.54
C ASN A 205 -22.65 0.43 -4.04
N GLU A 206 -21.61 0.74 -3.27
CA GLU A 206 -21.72 0.85 -1.82
C GLU A 206 -23.06 1.51 -1.48
N ALA A 207 -23.32 2.65 -2.09
CA ALA A 207 -24.59 3.35 -1.91
C ALA A 207 -25.63 2.79 -2.87
N ILE A 208 -25.15 2.08 -3.88
CA ILE A 208 -26.02 1.45 -4.87
C ILE A 208 -26.24 -0.02 -4.54
N TYR A 209 -25.14 -0.77 -4.42
CA TYR A 209 -25.22 -2.17 -4.08
C TYR A 209 -26.43 -2.39 -3.18
N ASP A 210 -26.61 -1.49 -2.22
CA ASP A 210 -27.79 -1.51 -1.38
C ASP A 210 -29.01 -1.54 -2.30
N ILE A 211 -28.92 -0.81 -3.40
CA ILE A 211 -29.94 -0.85 -4.43
C ILE A 211 -30.26 -2.28 -4.84
N CYS A 212 -29.22 -3.12 -4.89
CA CYS A 212 -29.39 -4.52 -5.25
C CYS A 212 -29.97 -5.34 -4.10
N ARG A 213 -30.02 -4.71 -2.92
CA ARG A 213 -30.56 -5.37 -1.73
C ARG A 213 -31.82 -4.67 -1.24
N ARG A 214 -32.04 -3.46 -1.71
CA ARG A 214 -33.21 -2.68 -1.32
C ARG A 214 -34.13 -2.43 -2.51
N ASN A 215 -33.55 -2.42 -3.71
CA ASN A 215 -34.32 -2.19 -4.93
C ASN A 215 -34.14 -3.25 -5.99
N LEU A 216 -34.15 -4.51 -5.60
CA LEU A 216 -33.96 -5.56 -6.56
C LEU A 216 -33.94 -6.88 -5.79
N ASP A 217 -33.59 -6.77 -4.53
CA ASP A 217 -33.53 -7.92 -3.62
C ASP A 217 -32.64 -9.04 -4.10
N ILE A 218 -31.45 -9.13 -3.47
CA ILE A 218 -30.46 -10.16 -3.76
C ILE A 218 -29.25 -9.95 -2.87
N GLU A 219 -28.95 -10.93 -2.02
CA GLU A 219 -27.79 -10.81 -1.14
C GLU A 219 -26.63 -11.53 -1.82
N ARG A 220 -26.88 -11.88 -3.08
CA ARG A 220 -25.91 -12.57 -3.93
C ARG A 220 -25.50 -11.64 -5.09
N PRO A 221 -24.98 -10.43 -4.77
CA PRO A 221 -24.58 -9.56 -5.88
C PRO A 221 -23.11 -9.76 -6.23
N THR A 222 -22.87 -10.37 -7.39
CA THR A 222 -21.50 -10.58 -7.83
C THR A 222 -21.03 -9.28 -8.41
N TYR A 223 -19.71 -9.06 -8.40
CA TYR A 223 -19.14 -7.85 -8.97
C TYR A 223 -19.64 -7.71 -10.40
N THR A 224 -19.92 -8.86 -11.01
CA THR A 224 -20.49 -8.90 -12.35
C THR A 224 -21.87 -8.23 -12.43
N ASN A 225 -22.44 -7.87 -11.29
CA ASN A 225 -23.73 -7.20 -11.30
C ASN A 225 -23.56 -5.70 -11.23
N LEU A 226 -22.88 -5.25 -10.19
CA LEU A 226 -22.61 -3.82 -10.01
C LEU A 226 -22.07 -3.28 -11.33
N ASN A 227 -21.41 -4.14 -12.08
CA ASN A 227 -20.92 -3.77 -13.39
C ASN A 227 -22.06 -3.64 -14.41
N ARG A 228 -23.05 -4.53 -14.31
CA ARG A 228 -24.20 -4.50 -15.21
C ARG A 228 -24.96 -3.23 -14.98
N LEU A 229 -24.92 -2.77 -13.74
CA LEU A 229 -25.61 -1.58 -13.37
C LEU A 229 -24.92 -0.37 -13.93
N ILE A 230 -23.71 -0.08 -13.48
CA ILE A 230 -23.02 1.07 -14.04
C ILE A 230 -23.08 0.84 -15.54
N GLY A 231 -22.93 -0.43 -15.92
CA GLY A 231 -22.97 -0.82 -17.31
C GLY A 231 -24.25 -0.31 -17.94
N GLN A 232 -25.20 0.08 -17.10
CA GLN A 232 -26.47 0.61 -17.55
C GLN A 232 -26.43 2.13 -17.54
N ILE A 233 -26.24 2.69 -16.35
CA ILE A 233 -26.17 4.14 -16.18
C ILE A 233 -25.22 4.74 -17.21
N VAL A 234 -24.14 4.03 -17.51
CA VAL A 234 -23.17 4.51 -18.49
C VAL A 234 -23.77 4.48 -19.88
N SER A 235 -24.54 3.44 -20.17
CA SER A 235 -25.14 3.32 -21.49
C SER A 235 -26.02 4.50 -21.78
N SER A 236 -26.54 5.09 -20.72
CA SER A 236 -27.42 6.26 -20.82
C SER A 236 -26.62 7.52 -21.10
N ILE A 237 -25.37 7.51 -20.70
CA ILE A 237 -24.50 8.65 -20.92
C ILE A 237 -24.15 8.66 -22.40
N THR A 238 -23.09 7.95 -22.77
CA THR A 238 -22.62 7.91 -24.15
C THR A 238 -23.59 7.23 -25.09
N ALA A 239 -23.47 5.91 -25.20
CA ALA A 239 -24.31 5.11 -26.08
C ALA A 239 -25.49 5.88 -26.69
N SER A 240 -26.61 5.82 -25.99
CA SER A 240 -27.87 6.44 -26.40
C SER A 240 -27.85 7.94 -26.65
N LEU A 241 -27.09 8.68 -25.86
CA LEU A 241 -27.05 10.12 -26.04
C LEU A 241 -26.38 10.51 -27.35
N ARG A 242 -25.23 9.92 -27.62
CA ARG A 242 -24.52 10.18 -28.86
C ARG A 242 -25.39 9.65 -29.98
N PHE A 243 -26.52 9.07 -29.58
CA PHE A 243 -27.53 8.49 -30.47
C PHE A 243 -28.68 9.50 -30.60
N ASP A 244 -29.12 9.75 -31.83
CA ASP A 244 -30.21 10.68 -32.16
C ASP A 244 -31.36 10.61 -31.16
N GLY A 245 -32.14 11.68 -31.08
CA GLY A 245 -33.25 11.70 -30.17
C GLY A 245 -34.03 13.00 -30.25
N ALA A 246 -35.04 13.15 -29.39
CA ALA A 246 -35.88 14.35 -29.40
C ALA A 246 -35.27 15.53 -28.64
N LEU A 247 -34.16 15.29 -27.95
CA LEU A 247 -33.49 16.35 -27.20
C LEU A 247 -31.99 16.09 -26.95
N ASN A 248 -31.30 15.63 -27.98
CA ASN A 248 -29.88 15.31 -27.92
C ASN A 248 -29.06 16.13 -26.94
N VAL A 249 -28.03 15.48 -26.39
CA VAL A 249 -27.11 16.09 -25.45
C VAL A 249 -25.69 15.58 -25.71
N ASP A 250 -24.85 16.45 -26.29
CA ASP A 250 -23.47 16.08 -26.60
C ASP A 250 -22.65 15.94 -25.33
N LEU A 251 -21.43 15.41 -25.45
CA LEU A 251 -20.60 15.25 -24.25
C LEU A 251 -20.25 16.60 -23.71
N THR A 252 -19.80 17.48 -24.59
CA THR A 252 -19.45 18.83 -24.15
C THR A 252 -20.64 19.27 -23.29
N GLU A 253 -21.83 19.22 -23.87
CA GLU A 253 -23.07 19.61 -23.19
C GLU A 253 -22.95 19.39 -21.69
N PHE A 254 -22.58 18.16 -21.32
CA PHE A 254 -22.44 17.83 -19.91
C PHE A 254 -21.62 18.88 -19.20
N GLN A 255 -20.32 18.68 -19.22
CA GLN A 255 -19.41 19.59 -18.55
C GLN A 255 -19.94 21.02 -18.54
N THR A 256 -20.52 21.47 -19.65
CA THR A 256 -21.06 22.84 -19.70
C THR A 256 -22.24 22.97 -18.76
N ASN A 257 -23.29 22.21 -19.00
CA ASN A 257 -24.49 22.26 -18.18
C ASN A 257 -24.30 21.59 -16.82
N LEU A 258 -23.16 20.91 -16.63
CA LEU A 258 -22.89 20.19 -15.37
C LEU A 258 -21.81 20.67 -14.41
N VAL A 259 -20.82 21.41 -14.89
CA VAL A 259 -19.81 21.89 -13.95
C VAL A 259 -19.87 23.41 -13.81
N PRO A 260 -20.07 23.88 -12.58
CA PRO A 260 -20.15 25.32 -12.38
C PRO A 260 -18.75 25.85 -12.25
N TYR A 261 -17.82 24.99 -11.85
CA TYR A 261 -16.44 25.45 -11.67
C TYR A 261 -15.33 24.46 -12.05
N PRO A 262 -14.27 25.00 -12.65
CA PRO A 262 -13.08 24.28 -13.13
C PRO A 262 -12.67 23.02 -12.38
N ARG A 263 -12.91 22.96 -11.08
CA ARG A 263 -12.53 21.74 -10.38
C ARG A 263 -13.25 20.67 -11.21
N GLY A 264 -12.51 19.65 -11.66
CA GLY A 264 -13.06 18.58 -12.49
C GLY A 264 -14.32 17.97 -11.92
N HIS A 265 -15.07 18.83 -11.23
CA HIS A 265 -16.30 18.48 -10.54
C HIS A 265 -16.88 17.13 -10.85
N PHE A 266 -17.30 16.51 -9.77
CA PHE A 266 -17.79 15.17 -9.80
C PHE A 266 -19.27 15.00 -9.55
N PRO A 267 -20.06 14.83 -10.61
CA PRO A 267 -21.49 14.63 -10.34
C PRO A 267 -21.69 13.15 -9.93
N LEU A 268 -22.93 12.78 -9.62
CA LEU A 268 -23.25 11.40 -9.19
C LEU A 268 -24.19 10.75 -10.19
N ALA A 269 -24.04 9.45 -10.44
CA ALA A 269 -24.92 8.78 -11.38
C ALA A 269 -26.09 8.14 -10.67
N THR A 270 -27.26 8.21 -11.29
CA THR A 270 -28.47 7.65 -10.70
C THR A 270 -29.34 7.06 -11.81
N TYR A 271 -30.03 5.98 -11.53
CA TYR A 271 -30.87 5.42 -12.55
C TYR A 271 -32.27 5.28 -11.99
N ALA A 272 -33.31 5.33 -12.83
CA ALA A 272 -34.64 5.24 -12.24
C ALA A 272 -35.30 3.86 -12.17
N PRO A 273 -35.71 3.30 -13.32
CA PRO A 273 -36.34 1.97 -13.21
C PRO A 273 -35.39 0.88 -12.83
N VAL A 274 -35.02 0.84 -11.55
CA VAL A 274 -34.11 -0.19 -11.07
C VAL A 274 -34.99 -1.21 -10.41
N ILE A 275 -36.02 -1.65 -11.12
CA ILE A 275 -36.91 -2.64 -10.56
C ILE A 275 -36.46 -4.06 -10.95
N SER A 276 -36.81 -5.04 -10.12
CA SER A 276 -36.42 -6.42 -10.32
C SER A 276 -37.21 -7.19 -11.38
N ALA A 277 -36.52 -7.87 -12.31
CA ALA A 277 -37.21 -8.61 -13.36
C ALA A 277 -37.66 -9.97 -12.91
N GLU A 278 -38.39 -10.03 -11.80
CA GLU A 278 -38.88 -11.29 -11.30
C GLU A 278 -39.88 -11.03 -10.21
N LYS A 279 -39.40 -10.39 -9.16
CA LYS A 279 -40.24 -10.09 -8.01
C LYS A 279 -41.45 -9.28 -8.37
N ALA A 280 -41.41 -8.02 -7.97
CA ALA A 280 -42.50 -7.10 -8.19
C ALA A 280 -42.65 -6.77 -9.66
N TYR A 281 -43.82 -6.24 -10.01
CA TYR A 281 -44.10 -5.83 -11.36
C TYR A 281 -45.16 -4.81 -11.51
N HIS A 282 -44.69 -3.58 -11.47
CA HIS A 282 -45.57 -2.46 -11.65
C HIS A 282 -44.92 -1.75 -12.83
N GLU A 283 -43.82 -2.33 -13.35
CA GLU A 283 -43.06 -1.80 -14.50
C GLU A 283 -43.67 -0.49 -15.04
N GLN A 284 -44.84 -0.57 -15.67
CA GLN A 284 -45.54 0.60 -16.21
C GLN A 284 -45.62 1.68 -15.17
N LEU A 285 -44.52 2.41 -15.04
CA LEU A 285 -44.40 3.45 -14.05
C LEU A 285 -44.16 4.79 -14.75
N SER A 286 -45.20 5.33 -15.37
CA SER A 286 -45.09 6.59 -16.10
C SER A 286 -44.07 7.54 -15.54
N VAL A 287 -43.51 8.33 -16.44
CA VAL A 287 -42.49 9.33 -16.13
C VAL A 287 -42.69 9.87 -14.73
N ALA A 288 -43.80 10.56 -14.54
CA ALA A 288 -44.15 11.16 -13.26
C ALA A 288 -43.62 10.38 -12.08
N GLU A 289 -43.42 9.06 -12.25
CA GLU A 289 -42.91 8.23 -11.18
C GLU A 289 -41.41 8.03 -11.20
N ILE A 290 -40.90 7.53 -12.31
CA ILE A 290 -39.47 7.26 -12.47
C ILE A 290 -38.55 8.48 -12.18
N THR A 291 -39.09 9.68 -12.31
CA THR A 291 -38.31 10.88 -12.08
C THR A 291 -38.26 11.20 -10.60
N ASN A 292 -39.31 10.86 -9.91
CA ASN A 292 -39.34 11.14 -8.50
C ASN A 292 -38.43 10.12 -7.82
N ALA A 293 -38.30 8.97 -8.46
CA ALA A 293 -37.49 7.87 -7.94
C ALA A 293 -36.01 8.11 -8.08
N CYS A 294 -35.63 9.27 -8.60
CA CYS A 294 -34.23 9.58 -8.76
C CYS A 294 -33.72 10.36 -7.59
N PHE A 295 -34.55 11.26 -7.07
CA PHE A 295 -34.13 12.08 -5.94
C PHE A 295 -34.22 11.44 -4.56
N GLU A 296 -34.93 10.33 -4.43
CA GLU A 296 -34.96 9.66 -3.14
C GLU A 296 -33.55 9.13 -3.05
N PRO A 297 -32.84 9.45 -1.98
CA PRO A 297 -31.46 9.00 -1.78
C PRO A 297 -31.16 7.49 -1.87
N ALA A 298 -32.16 6.65 -1.75
CA ALA A 298 -31.92 5.22 -1.80
C ALA A 298 -31.93 4.71 -3.21
N ASN A 299 -31.28 5.40 -4.13
CA ASN A 299 -31.28 4.91 -5.50
C ASN A 299 -30.29 5.67 -6.33
N GLN A 300 -29.15 6.00 -5.74
CA GLN A 300 -28.22 6.81 -6.48
C GLN A 300 -26.78 6.37 -6.70
N MET A 301 -26.52 5.09 -6.57
CA MET A 301 -25.17 4.61 -6.81
C MET A 301 -24.12 5.50 -6.16
N VAL A 302 -24.37 5.93 -4.93
CA VAL A 302 -23.42 6.75 -4.20
C VAL A 302 -23.89 7.03 -2.77
N LYS A 303 -23.19 6.60 -1.66
CA LYS A 303 -23.83 6.32 -0.33
C LYS A 303 -25.34 6.16 -0.30
N CYS A 304 -26.05 7.25 -0.06
CA CYS A 304 -27.51 7.21 -0.01
C CYS A 304 -28.03 7.79 1.31
N ASP A 305 -28.26 9.10 1.31
CA ASP A 305 -28.76 9.79 2.49
C ASP A 305 -28.68 11.31 2.33
N PRO A 306 -29.11 11.81 1.09
CA PRO A 306 -29.00 13.27 0.98
C PRO A 306 -30.34 13.95 1.19
N ARG A 307 -31.31 13.21 1.73
CA ARG A 307 -32.64 13.76 1.98
C ARG A 307 -33.35 14.09 0.68
N HIS A 308 -34.57 13.58 0.52
CA HIS A 308 -35.34 13.83 -0.68
C HIS A 308 -34.19 13.98 -1.61
N GLY A 309 -34.25 14.89 -2.61
CA GLY A 309 -33.05 15.23 -3.36
C GLY A 309 -32.53 16.36 -2.54
N LYS A 310 -31.45 17.10 -2.92
CA LYS A 310 -31.16 18.11 -1.94
C LYS A 310 -30.39 19.32 -2.40
N TYR A 311 -29.86 19.49 -3.67
CA TYR A 311 -29.08 20.66 -4.17
C TYR A 311 -28.28 20.44 -5.48
N MET A 312 -28.40 21.24 -6.66
CA MET A 312 -27.65 20.95 -7.92
C MET A 312 -27.94 21.65 -9.34
N ALA A 313 -27.03 21.40 -10.34
CA ALA A 313 -27.18 21.11 -11.76
C ALA A 313 -27.39 19.62 -11.96
N CYS A 314 -28.48 19.28 -12.63
CA CYS A 314 -28.78 17.89 -12.90
C CYS A 314 -29.05 17.73 -14.39
N CYS A 315 -28.60 16.61 -14.93
CA CYS A 315 -28.77 16.34 -16.36
C CYS A 315 -29.67 15.14 -16.48
N LEU A 316 -30.97 15.37 -16.48
CA LEU A 316 -31.90 14.28 -16.57
C LEU A 316 -31.96 13.65 -17.93
N LEU A 317 -31.20 12.58 -18.12
CA LEU A 317 -31.21 11.88 -19.39
C LEU A 317 -32.30 10.81 -19.36
N TYR A 318 -33.30 11.01 -20.22
CA TYR A 318 -34.40 10.08 -20.33
C TYR A 318 -34.20 9.30 -21.60
N ARG A 319 -34.83 8.14 -21.68
CA ARG A 319 -34.73 7.30 -22.85
C ARG A 319 -35.99 6.47 -22.91
N GLY A 320 -36.48 6.22 -24.12
CA GLY A 320 -37.71 5.44 -24.26
C GLY A 320 -38.87 6.34 -24.60
N ASP A 321 -40.09 5.87 -24.36
CA ASP A 321 -41.29 6.66 -24.66
C ASP A 321 -41.59 7.73 -23.62
N VAL A 322 -41.18 8.95 -23.93
CA VAL A 322 -41.36 10.09 -23.03
C VAL A 322 -41.84 11.36 -23.75
N VAL A 323 -42.96 11.92 -23.29
CA VAL A 323 -43.53 13.14 -23.84
C VAL A 323 -42.90 14.33 -23.15
N PRO A 324 -42.23 15.19 -23.92
CA PRO A 324 -41.57 16.37 -23.40
C PRO A 324 -42.36 17.17 -22.39
N LYS A 325 -43.69 17.15 -22.48
CA LYS A 325 -44.52 17.87 -21.53
C LYS A 325 -44.49 17.07 -20.23
N ASP A 326 -44.58 15.76 -20.36
CA ASP A 326 -44.53 14.89 -19.20
C ASP A 326 -43.34 15.28 -18.36
N VAL A 327 -42.23 15.55 -19.04
CA VAL A 327 -40.99 15.94 -18.39
C VAL A 327 -41.11 17.37 -17.93
N ASN A 328 -41.36 18.27 -18.89
CA ASN A 328 -41.51 19.69 -18.60
C ASN A 328 -42.80 19.85 -17.80
N ALA A 329 -42.88 19.07 -16.72
CA ALA A 329 -44.01 19.06 -15.80
C ALA A 329 -43.59 18.24 -14.59
N ALA A 330 -43.10 17.04 -14.87
CA ALA A 330 -42.63 16.14 -13.83
C ALA A 330 -41.48 16.84 -13.13
N ILE A 331 -40.74 17.62 -13.90
CA ILE A 331 -39.60 18.37 -13.37
C ILE A 331 -40.12 19.62 -12.68
N ALA A 332 -41.17 20.22 -13.25
CA ALA A 332 -41.78 21.42 -12.68
C ALA A 332 -42.24 21.10 -11.28
N THR A 333 -42.95 19.98 -11.15
CA THR A 333 -43.46 19.54 -9.86
C THR A 333 -42.30 19.46 -8.86
N ILE A 334 -41.16 18.94 -9.33
CA ILE A 334 -39.98 18.81 -8.50
C ILE A 334 -39.44 20.18 -8.13
N LYS A 335 -39.19 21.02 -9.13
CA LYS A 335 -38.65 22.36 -8.87
C LYS A 335 -39.38 23.06 -7.73
N THR A 336 -40.56 22.57 -7.38
CA THR A 336 -41.34 23.19 -6.32
C THR A 336 -41.61 22.28 -5.12
N LYS A 337 -40.70 21.35 -4.86
CA LYS A 337 -40.84 20.44 -3.73
C LYS A 337 -40.03 21.03 -2.56
N ARG A 338 -39.20 22.01 -2.91
CA ARG A 338 -38.35 22.72 -1.96
C ARG A 338 -37.46 21.87 -1.06
N THR A 339 -38.02 20.78 -0.53
CA THR A 339 -37.25 19.90 0.34
C THR A 339 -36.12 19.31 -0.51
N ILE A 340 -36.08 19.69 -1.78
CA ILE A 340 -35.07 19.24 -2.73
C ILE A 340 -34.12 20.41 -3.03
N GLN A 341 -34.22 21.44 -2.20
CA GLN A 341 -33.42 22.66 -2.27
C GLN A 341 -32.22 22.67 -3.23
N PHE A 342 -32.32 23.51 -4.24
CA PHE A 342 -31.46 23.52 -5.38
C PHE A 342 -30.32 24.49 -5.33
N VAL A 343 -30.06 24.97 -6.57
CA VAL A 343 -29.04 25.81 -7.14
C VAL A 343 -29.02 27.23 -6.65
N ASP A 344 -27.82 27.84 -6.76
CA ASP A 344 -27.43 29.15 -6.34
C ASP A 344 -27.79 30.24 -7.33
N TRP A 345 -26.73 30.98 -7.69
CA TRP A 345 -26.65 32.21 -8.44
C TRP A 345 -27.35 32.10 -9.77
N CYS A 346 -27.23 30.95 -10.48
CA CYS A 346 -27.87 30.84 -11.76
C CYS A 346 -29.21 30.18 -11.59
N PRO A 347 -30.18 30.58 -12.41
CA PRO A 347 -31.54 30.05 -12.31
C PRO A 347 -31.74 28.82 -13.19
N THR A 348 -32.33 27.78 -12.62
CA THR A 348 -32.61 26.55 -13.36
C THR A 348 -31.35 25.72 -13.58
N GLY A 349 -31.37 24.49 -13.07
CA GLY A 349 -30.24 23.58 -13.23
C GLY A 349 -30.72 22.22 -13.70
N PHE A 350 -31.67 22.22 -14.64
CA PHE A 350 -32.24 20.98 -15.14
C PHE A 350 -32.04 20.80 -16.64
N LYS A 351 -31.01 20.04 -17.01
CA LYS A 351 -30.74 19.72 -18.41
C LYS A 351 -31.51 18.46 -18.79
N VAL A 352 -32.60 18.67 -19.50
CA VAL A 352 -33.48 17.58 -19.93
C VAL A 352 -32.99 16.97 -21.24
N GLY A 353 -32.49 15.77 -21.11
CA GLY A 353 -31.97 14.99 -22.25
C GLY A 353 -32.93 13.84 -22.55
N ILE A 354 -33.51 13.92 -23.73
CA ILE A 354 -34.48 12.93 -24.21
C ILE A 354 -33.93 12.15 -25.40
N ASN A 355 -33.95 10.85 -25.22
CA ASN A 355 -33.54 9.89 -26.25
C ASN A 355 -34.79 9.12 -26.66
N TYR A 356 -34.68 8.34 -27.70
CA TYR A 356 -35.83 7.58 -28.21
C TYR A 356 -35.82 6.13 -27.70
N GLU A 357 -34.95 5.35 -28.29
CA GLU A 357 -34.80 3.92 -27.98
C GLU A 357 -34.84 3.67 -26.46
N PRO A 358 -35.79 2.87 -25.96
CA PRO A 358 -35.88 2.56 -24.54
C PRO A 358 -34.61 1.85 -24.09
N PRO A 359 -34.46 1.64 -22.78
CA PRO A 359 -33.28 0.98 -22.25
C PRO A 359 -33.34 -0.53 -22.45
N THR A 360 -32.21 -1.21 -22.27
CA THR A 360 -32.13 -2.65 -22.42
C THR A 360 -31.77 -3.33 -21.11
N VAL A 361 -31.71 -4.66 -21.14
CA VAL A 361 -31.37 -5.44 -19.95
C VAL A 361 -30.82 -6.81 -20.32
N VAL A 362 -29.77 -7.23 -19.62
CA VAL A 362 -29.14 -8.52 -19.88
C VAL A 362 -30.18 -9.62 -20.03
N PRO A 363 -30.45 -10.02 -21.27
CA PRO A 363 -31.44 -11.06 -21.55
C PRO A 363 -32.02 -11.72 -20.32
N GLY A 364 -31.15 -12.04 -19.36
CA GLY A 364 -31.62 -12.70 -18.16
C GLY A 364 -30.81 -12.48 -16.92
N GLY A 365 -30.41 -11.22 -16.67
CA GLY A 365 -29.66 -10.92 -15.48
C GLY A 365 -30.62 -10.81 -14.32
N ASP A 366 -30.97 -9.59 -13.94
CA ASP A 366 -31.90 -9.34 -12.86
C ASP A 366 -32.52 -7.95 -12.97
N LEU A 367 -32.26 -7.28 -14.09
CA LEU A 367 -32.80 -5.94 -14.33
C LEU A 367 -34.19 -6.07 -14.94
N ALA A 368 -35.15 -5.40 -14.33
CA ALA A 368 -36.55 -5.42 -14.78
C ALA A 368 -36.74 -5.51 -16.28
N LYS A 369 -36.56 -4.35 -16.92
CA LYS A 369 -36.71 -4.14 -18.37
C LYS A 369 -38.01 -3.36 -18.62
N VAL A 370 -37.90 -2.05 -18.41
CA VAL A 370 -39.00 -1.13 -18.56
C VAL A 370 -38.93 -0.53 -19.97
N GLN A 371 -39.86 0.37 -20.28
CA GLN A 371 -39.89 1.03 -21.58
C GLN A 371 -39.66 2.52 -21.39
N ARG A 372 -38.75 2.84 -20.49
CA ARG A 372 -38.39 4.22 -20.20
C ARG A 372 -37.60 4.25 -18.90
N ALA A 373 -36.57 5.10 -18.85
CA ALA A 373 -35.72 5.21 -17.68
C ALA A 373 -35.14 6.61 -17.57
N VAL A 374 -34.62 6.91 -16.39
CA VAL A 374 -34.03 8.22 -16.08
C VAL A 374 -32.67 8.10 -15.43
N CYS A 375 -31.63 8.32 -16.22
CA CYS A 375 -30.25 8.28 -15.72
C CYS A 375 -29.88 9.72 -15.45
N MET A 376 -30.21 10.17 -14.25
CA MET A 376 -29.93 11.53 -13.87
C MET A 376 -28.65 11.57 -13.09
N LEU A 377 -27.76 12.50 -13.46
CA LEU A 377 -26.48 12.65 -12.79
C LEU A 377 -26.15 14.12 -12.57
N SER A 378 -26.03 14.50 -11.30
CA SER A 378 -25.71 15.88 -10.94
C SER A 378 -24.47 15.95 -10.07
N ASN A 379 -24.09 17.17 -9.69
CA ASN A 379 -22.93 17.39 -8.84
C ASN A 379 -23.27 17.41 -7.36
N THR A 380 -24.51 17.77 -7.05
CA THR A 380 -24.97 17.83 -5.66
C THR A 380 -25.80 16.61 -5.31
N THR A 381 -27.12 16.73 -5.43
CA THR A 381 -28.03 15.63 -5.13
C THR A 381 -27.64 14.98 -3.80
N ALA A 382 -27.97 13.69 -3.67
CA ALA A 382 -27.67 12.95 -2.45
C ALA A 382 -26.16 12.71 -2.31
N ILE A 383 -25.45 12.81 -3.42
CA ILE A 383 -24.00 12.62 -3.41
C ILE A 383 -23.29 13.65 -4.29
N ALA A 384 -23.14 14.88 -3.81
CA ALA A 384 -23.62 15.30 -2.50
C ALA A 384 -23.11 14.41 -1.37
N GLU A 385 -23.99 14.10 -0.41
CA GLU A 385 -23.62 13.27 0.73
C GLU A 385 -22.82 12.05 0.29
N ALA A 386 -23.35 11.32 -0.71
CA ALA A 386 -22.67 10.13 -1.21
C ALA A 386 -21.16 10.34 -1.30
N TRP A 387 -20.76 11.36 -2.05
CA TRP A 387 -19.34 11.70 -2.19
C TRP A 387 -18.62 11.73 -0.84
N ALA A 388 -19.16 12.50 0.11
CA ALA A 388 -18.54 12.66 1.41
C ALA A 388 -18.47 11.33 2.16
N ARG A 389 -19.58 10.59 2.14
CA ARG A 389 -19.65 9.30 2.81
C ARG A 389 -18.67 8.30 2.20
N LEU A 390 -18.20 8.61 1.00
CA LEU A 390 -17.27 7.74 0.30
C LEU A 390 -15.87 8.26 0.46
N ASP A 391 -15.78 9.55 0.72
CA ASP A 391 -14.50 10.20 0.89
C ASP A 391 -13.99 9.84 2.28
N HIS A 392 -14.85 10.04 3.26
CA HIS A 392 -14.57 9.73 4.65
C HIS A 392 -13.96 8.34 4.70
N LYS A 393 -14.65 7.36 4.12
CA LYS A 393 -14.16 5.98 4.04
C LYS A 393 -12.66 6.00 3.83
N PHE A 394 -12.31 6.50 2.65
CA PHE A 394 -10.93 6.64 2.18
C PHE A 394 -9.96 7.04 3.29
N ASP A 395 -10.20 8.22 3.86
CA ASP A 395 -9.36 8.73 4.93
C ASP A 395 -9.08 7.68 5.98
N LEU A 396 -10.12 7.16 6.59
CA LEU A 396 -9.95 6.16 7.61
C LEU A 396 -8.80 5.22 7.30
N MET A 397 -8.81 4.66 6.09
CA MET A 397 -7.77 3.73 5.68
C MET A 397 -6.45 4.41 5.37
N TYR A 398 -6.51 5.45 4.56
CA TYR A 398 -5.30 6.18 4.22
C TYR A 398 -4.66 6.62 5.51
N ALA A 399 -5.48 7.05 6.46
CA ALA A 399 -4.97 7.46 7.77
C ALA A 399 -3.55 6.95 7.94
N LYS A 400 -2.59 7.67 7.36
CA LYS A 400 -1.19 7.29 7.45
C LYS A 400 -0.78 6.44 6.25
N ARG A 401 -1.15 6.89 5.05
CA ARG A 401 -0.83 6.18 3.83
C ARG A 401 -1.75 4.97 3.62
N ALA A 402 -2.16 4.35 4.73
CA ALA A 402 -3.02 3.19 4.67
C ALA A 402 -2.54 2.20 3.61
N PHE A 403 -3.48 1.67 2.82
CA PHE A 403 -3.15 0.73 1.75
C PHE A 403 -2.33 1.35 0.64
N VAL A 404 -1.35 2.16 0.99
CA VAL A 404 -0.55 2.79 -0.04
C VAL A 404 0.41 1.79 -0.65
N HIS A 405 1.05 0.99 0.19
CA HIS A 405 2.00 -0.02 -0.28
C HIS A 405 1.42 -0.93 -1.36
N TRP A 406 0.12 -0.83 -1.59
CA TRP A 406 -0.53 -1.66 -2.59
C TRP A 406 -0.49 -1.05 -3.94
N TYR A 407 -0.31 0.26 -3.99
CA TYR A 407 -0.25 0.98 -5.26
C TYR A 407 1.19 1.27 -5.66
N VAL A 408 1.99 1.71 -4.70
CA VAL A 408 3.39 2.02 -4.94
C VAL A 408 4.06 0.92 -5.77
N GLY A 409 4.12 -0.28 -5.21
CA GLY A 409 4.72 -1.41 -5.89
C GLY A 409 4.05 -1.71 -7.22
N GLU A 410 2.92 -1.06 -7.45
CA GLU A 410 2.16 -1.26 -8.70
C GLU A 410 2.28 -0.03 -9.60
N GLY A 411 2.29 1.15 -9.00
CA GLY A 411 2.40 2.38 -9.75
C GLY A 411 1.62 3.52 -9.11
N MET A 412 2.23 4.14 -8.10
CA MET A 412 1.60 5.24 -7.39
C MET A 412 2.50 5.78 -6.29
N GLU A 413 2.25 7.02 -5.87
CA GLU A 413 3.02 7.63 -4.82
C GLU A 413 2.13 8.23 -3.76
N GLU A 414 2.73 8.73 -2.69
CA GLU A 414 1.95 9.36 -1.63
C GLU A 414 1.26 10.54 -2.29
N GLY A 415 1.79 10.93 -3.44
CA GLY A 415 1.22 12.05 -4.18
C GLY A 415 -0.17 11.71 -4.64
N GLU A 416 -0.25 10.88 -5.69
CA GLU A 416 -1.54 10.52 -6.25
C GLU A 416 -2.66 10.30 -5.26
N PHE A 417 -2.36 9.73 -4.10
CA PHE A 417 -3.39 9.50 -3.08
C PHE A 417 -3.80 10.81 -2.44
N SER A 418 -2.89 11.38 -1.66
CA SER A 418 -3.09 12.66 -1.00
C SER A 418 -3.54 13.76 -1.94
N GLU A 419 -3.02 13.74 -3.16
CA GLU A 419 -3.37 14.78 -4.11
C GLU A 419 -4.66 14.53 -4.87
N ALA A 420 -5.27 13.37 -4.65
CA ALA A 420 -6.55 13.02 -5.30
C ALA A 420 -7.63 13.10 -4.23
N ARG A 421 -7.15 13.21 -3.00
CA ARG A 421 -8.03 13.34 -1.86
C ARG A 421 -8.39 14.81 -1.87
N GLU A 422 -7.36 15.65 -1.88
CA GLU A 422 -7.56 17.10 -1.94
C GLU A 422 -8.50 17.38 -3.10
N ASP A 423 -8.32 16.61 -4.18
CA ASP A 423 -9.15 16.75 -5.38
C ASP A 423 -10.61 16.72 -5.00
N MET A 424 -11.08 15.54 -4.59
CA MET A 424 -12.46 15.40 -4.22
C MET A 424 -12.89 16.40 -3.14
N ALA A 425 -11.98 16.75 -2.26
CA ALA A 425 -12.31 17.72 -1.21
C ALA A 425 -13.09 18.87 -1.84
N ALA A 426 -12.54 19.43 -2.93
CA ALA A 426 -13.16 20.54 -3.64
C ALA A 426 -14.32 20.07 -4.51
N LEU A 427 -14.80 18.87 -4.23
CA LEU A 427 -15.94 18.31 -4.96
C LEU A 427 -17.04 18.23 -3.92
N GLU A 428 -16.62 18.31 -2.66
CA GLU A 428 -17.50 18.31 -1.50
C GLU A 428 -17.90 19.76 -1.26
N LYS A 429 -17.01 20.67 -1.66
CA LYS A 429 -17.25 22.10 -1.52
C LYS A 429 -18.03 22.56 -2.73
N ASP A 430 -17.67 22.01 -3.88
CA ASP A 430 -18.32 22.35 -5.12
C ASP A 430 -19.81 22.03 -5.05
N TYR A 431 -20.13 20.76 -4.83
CA TYR A 431 -21.52 20.31 -4.75
C TYR A 431 -22.25 20.98 -3.60
N GLU A 432 -21.51 21.70 -2.78
CA GLU A 432 -22.07 22.40 -1.62
C GLU A 432 -22.37 23.84 -2.02
N GLU A 433 -21.41 24.48 -2.66
CA GLU A 433 -21.56 25.86 -3.09
C GLU A 433 -22.63 26.06 -4.17
N VAL A 434 -22.61 25.20 -5.19
CA VAL A 434 -23.58 25.32 -6.27
C VAL A 434 -24.99 25.15 -5.76
N GLY A 435 -25.12 24.96 -4.45
CA GLY A 435 -26.43 24.80 -3.85
C GLY A 435 -26.40 25.25 -2.41
N VAL A 436 -27.46 24.93 -1.67
CA VAL A 436 -27.56 25.27 -0.24
C VAL A 436 -27.45 26.79 -0.03
N ARG B 1 5.08 -13.20 -12.14
CA ARG B 1 4.53 -14.57 -12.26
C ARG B 1 5.33 -15.63 -11.55
N GLU B 2 6.62 -15.87 -11.93
CA GLU B 2 7.49 -16.92 -11.39
C GLU B 2 7.71 -16.83 -9.87
N ILE B 3 8.17 -17.96 -9.27
CA ILE B 3 8.25 -18.14 -7.85
C ILE B 3 9.30 -19.09 -7.26
N VAL B 4 10.20 -18.71 -6.22
CA VAL B 4 11.05 -19.90 -6.11
C VAL B 4 11.18 -20.34 -4.64
N HIS B 5 10.42 -21.39 -4.33
CA HIS B 5 10.37 -21.97 -2.99
C HIS B 5 11.75 -22.30 -2.48
N ILE B 6 11.89 -22.32 -1.15
CA ILE B 6 13.17 -22.66 -0.52
C ILE B 6 12.96 -23.52 0.75
N GLN B 7 13.36 -24.80 0.65
CA GLN B 7 13.23 -25.78 1.74
C GLN B 7 14.44 -25.85 2.68
N ALA B 8 14.65 -24.82 3.48
CA ALA B 8 15.78 -24.79 4.41
C ALA B 8 15.67 -25.72 5.62
N GLY B 9 16.71 -26.49 5.86
CA GLY B 9 16.70 -27.41 6.99
C GLY B 9 15.87 -28.65 6.76
N GLN B 10 15.64 -29.45 7.80
CA GLN B 10 14.85 -30.66 7.68
C GLN B 10 13.39 -30.26 7.69
N CYS B 11 12.97 -29.63 8.77
CA CYS B 11 11.59 -29.22 8.88
C CYS B 11 11.17 -28.54 7.60
N GLY B 12 11.73 -27.37 7.37
CA GLY B 12 11.41 -26.62 6.17
C GLY B 12 11.37 -27.56 4.99
N ASN B 13 12.16 -28.62 5.08
CA ASN B 13 12.23 -29.61 4.02
C ASN B 13 11.03 -30.55 4.11
N GLN B 14 10.88 -31.21 5.25
CA GLN B 14 9.77 -32.13 5.49
C GLN B 14 8.50 -31.49 4.95
N ILE B 15 8.30 -30.23 5.31
CA ILE B 15 7.15 -29.44 4.88
C ILE B 15 7.15 -29.25 3.37
N GLY B 16 8.33 -29.11 2.79
CA GLY B 16 8.42 -28.95 1.35
C GLY B 16 7.63 -30.09 0.74
N ALA B 17 7.90 -31.29 1.20
CA ALA B 17 7.22 -32.46 0.68
C ALA B 17 5.72 -32.33 0.79
N LYS B 18 5.24 -31.66 1.84
CA LYS B 18 3.80 -31.51 2.01
C LYS B 18 3.30 -30.31 1.23
N PHE B 19 4.08 -29.25 1.16
CA PHE B 19 3.65 -28.09 0.39
C PHE B 19 3.58 -28.44 -1.08
N TRP B 20 4.47 -29.32 -1.51
CA TRP B 20 4.47 -29.70 -2.90
C TRP B 20 3.53 -30.86 -3.14
N GLU B 21 3.31 -31.64 -2.09
CA GLU B 21 2.38 -32.77 -2.18
C GLU B 21 1.09 -32.11 -2.63
N VAL B 22 0.65 -31.15 -1.82
CA VAL B 22 -0.58 -30.40 -2.07
C VAL B 22 -0.54 -29.69 -3.42
N ILE B 23 0.00 -28.48 -3.38
CA ILE B 23 0.15 -27.62 -4.53
C ILE B 23 0.08 -28.34 -5.87
N SER B 24 0.80 -29.44 -6.00
CA SER B 24 0.81 -30.19 -7.25
C SER B 24 -0.61 -30.60 -7.63
N ASP B 25 -1.27 -31.32 -6.72
CA ASP B 25 -2.65 -31.77 -6.91
C ASP B 25 -3.56 -30.57 -7.20
N GLU B 26 -3.18 -29.42 -6.63
CA GLU B 26 -3.90 -28.17 -6.83
C GLU B 26 -3.37 -27.58 -8.14
N HIS B 27 -2.79 -28.44 -8.94
CA HIS B 27 -2.23 -28.04 -10.22
C HIS B 27 -2.03 -29.27 -11.12
N GLY B 28 -2.71 -30.36 -10.75
CA GLY B 28 -2.65 -31.61 -11.52
C GLY B 28 -1.30 -32.11 -12.02
N ILE B 29 -0.27 -32.00 -11.19
CA ILE B 29 1.05 -32.47 -11.58
C ILE B 29 1.41 -33.72 -10.79
N ASP B 30 1.39 -34.86 -11.49
CA ASP B 30 1.72 -36.16 -10.89
C ASP B 30 3.22 -36.25 -10.71
N PRO B 31 3.68 -37.11 -9.79
CA PRO B 31 5.12 -37.27 -9.54
C PRO B 31 6.01 -36.63 -10.61
N THR B 32 6.26 -37.36 -11.69
CA THR B 32 7.07 -36.82 -12.78
C THR B 32 6.12 -36.47 -13.92
N GLY B 33 4.89 -36.96 -13.82
CA GLY B 33 3.89 -36.72 -14.84
C GLY B 33 3.73 -35.23 -15.14
N SER B 34 2.71 -34.91 -15.92
CA SER B 34 2.47 -33.51 -16.30
C SER B 34 1.22 -32.96 -15.67
N TYR B 35 0.47 -32.23 -16.49
CA TYR B 35 -0.76 -31.61 -16.06
C TYR B 35 -1.99 -32.46 -16.41
N HIS B 36 -2.46 -33.23 -15.44
CA HIS B 36 -3.66 -34.07 -15.60
C HIS B 36 -4.87 -33.21 -15.25
N GLY B 37 -4.58 -32.02 -14.75
CA GLY B 37 -5.59 -31.05 -14.34
C GLY B 37 -7.02 -31.32 -14.74
N ASP B 38 -7.86 -31.54 -13.75
CA ASP B 38 -9.27 -31.79 -13.99
C ASP B 38 -9.82 -30.66 -14.84
N SER B 39 -9.21 -29.48 -14.70
CA SER B 39 -9.63 -28.32 -15.47
C SER B 39 -8.56 -27.86 -16.45
N ASP B 40 -8.67 -26.61 -16.89
CA ASP B 40 -7.73 -26.03 -17.84
C ASP B 40 -7.15 -24.75 -17.26
N LEU B 41 -7.71 -24.31 -16.14
CA LEU B 41 -7.29 -23.09 -15.47
C LEU B 41 -6.10 -23.29 -14.53
N GLN B 42 -5.91 -24.53 -14.07
CA GLN B 42 -4.82 -24.87 -13.16
C GLN B 42 -3.50 -24.95 -13.94
N LEU B 43 -3.43 -24.27 -15.08
CA LEU B 43 -2.25 -24.34 -15.92
C LEU B 43 -1.77 -23.01 -16.49
N GLU B 44 -2.70 -22.11 -16.78
CA GLU B 44 -2.34 -20.82 -17.34
C GLU B 44 -1.43 -19.98 -16.45
N ARG B 45 -1.31 -20.38 -15.18
CA ARG B 45 -0.50 -19.61 -14.25
C ARG B 45 0.52 -20.46 -13.48
N ILE B 46 0.59 -21.75 -13.77
CA ILE B 46 1.54 -22.62 -13.05
C ILE B 46 2.93 -22.04 -12.94
N ASN B 47 3.48 -21.61 -14.08
CA ASN B 47 4.82 -21.03 -14.14
C ASN B 47 5.31 -20.56 -12.79
N VAL B 48 4.46 -19.84 -12.07
CA VAL B 48 4.80 -19.36 -10.73
C VAL B 48 5.63 -20.34 -9.89
N TYR B 49 5.46 -21.64 -10.14
CA TYR B 49 6.18 -22.67 -9.38
C TYR B 49 6.90 -23.75 -10.17
N TYR B 50 6.86 -23.70 -11.49
CA TYR B 50 7.52 -24.75 -12.28
C TYR B 50 8.36 -24.24 -13.45
N ASN B 51 8.83 -25.17 -14.27
CA ASN B 51 9.64 -24.84 -15.44
C ASN B 51 9.37 -25.82 -16.59
N GLU B 52 9.41 -25.30 -17.82
CA GLU B 52 9.18 -26.10 -19.01
C GLU B 52 10.47 -26.66 -19.61
N ALA B 53 10.56 -27.98 -19.66
CA ALA B 53 11.73 -28.66 -20.23
C ALA B 53 11.27 -29.70 -21.25
N ALA B 54 10.73 -30.81 -20.74
CA ALA B 54 10.25 -31.88 -21.60
C ALA B 54 8.95 -31.46 -22.29
N GLY B 55 7.83 -31.63 -21.60
CA GLY B 55 6.53 -31.29 -22.15
C GLY B 55 5.45 -31.97 -21.32
N ASN B 56 5.92 -32.70 -20.32
CA ASN B 56 5.08 -33.43 -19.39
C ASN B 56 5.77 -33.33 -18.04
N LYS B 57 6.95 -32.72 -18.04
CA LYS B 57 7.73 -32.56 -16.83
C LYS B 57 7.90 -31.11 -16.42
N TYR B 58 6.93 -30.62 -15.63
CA TYR B 58 6.97 -29.28 -15.11
C TYR B 58 7.59 -29.52 -13.74
N VAL B 59 8.86 -29.15 -13.58
CA VAL B 59 9.54 -29.38 -12.31
C VAL B 59 9.47 -28.25 -11.30
N PRO B 60 9.09 -28.58 -10.07
CA PRO B 60 9.00 -27.55 -9.02
C PRO B 60 10.30 -26.76 -8.95
N ARG B 61 10.14 -25.45 -8.90
CA ARG B 61 11.28 -24.56 -8.85
C ARG B 61 11.54 -24.10 -7.43
N ALA B 62 12.04 -25.03 -6.62
CA ALA B 62 12.35 -24.78 -5.22
C ALA B 62 13.80 -25.15 -4.95
N ILE B 63 14.24 -24.92 -3.72
CA ILE B 63 15.60 -25.28 -3.37
C ILE B 63 15.53 -26.14 -2.12
N LEU B 64 16.37 -27.18 -2.06
CA LEU B 64 16.40 -28.07 -0.90
C LEU B 64 17.76 -27.97 -0.24
N VAL B 65 17.82 -27.16 0.80
CA VAL B 65 19.03 -26.89 1.53
C VAL B 65 19.04 -27.63 2.89
N ASP B 66 20.09 -28.42 3.10
CA ASP B 66 20.21 -29.19 4.34
C ASP B 66 21.58 -29.85 4.50
N LEU B 67 22.09 -29.85 5.73
CA LEU B 67 23.40 -30.42 6.05
C LEU B 67 23.31 -31.84 6.59
N GLU B 68 22.13 -32.44 6.48
CA GLU B 68 21.90 -33.80 6.94
C GLU B 68 21.39 -34.59 5.74
N PRO B 69 22.23 -35.47 5.20
CA PRO B 69 21.76 -36.23 4.04
C PRO B 69 20.44 -36.97 4.31
N GLY B 70 20.45 -37.98 5.18
CA GLY B 70 19.26 -38.75 5.49
C GLY B 70 17.92 -38.07 5.24
N THR B 71 17.82 -36.79 5.62
CA THR B 71 16.58 -36.04 5.42
C THR B 71 16.18 -35.98 3.95
N MET B 72 16.86 -35.13 3.19
CA MET B 72 16.56 -34.99 1.77
C MET B 72 16.55 -36.34 1.07
N ASP B 73 17.23 -37.32 1.69
CA ASP B 73 17.29 -38.68 1.15
C ASP B 73 16.10 -39.51 1.62
N SER B 74 15.13 -38.84 2.23
CA SER B 74 13.90 -39.47 2.71
C SER B 74 12.80 -38.80 1.89
N VAL B 75 13.03 -37.54 1.59
CA VAL B 75 12.11 -36.75 0.81
C VAL B 75 12.31 -37.09 -0.66
N ARG B 76 13.52 -37.48 -1.01
CA ARG B 76 13.82 -37.83 -2.38
C ARG B 76 13.63 -39.33 -2.64
N SER B 77 13.43 -40.11 -1.58
CA SER B 77 13.23 -41.56 -1.72
C SER B 77 11.81 -42.01 -1.43
N GLY B 78 10.89 -41.06 -1.32
CA GLY B 78 9.50 -41.40 -1.03
C GLY B 78 8.54 -41.12 -2.17
N PRO B 79 7.37 -40.51 -1.87
CA PRO B 79 6.37 -40.19 -2.90
C PRO B 79 6.87 -39.22 -3.96
N PHE B 80 6.30 -38.02 -3.99
CA PHE B 80 6.67 -37.00 -4.97
C PHE B 80 8.16 -36.67 -4.98
N GLY B 81 8.92 -37.34 -4.12
CA GLY B 81 10.34 -37.08 -4.05
C GLY B 81 11.13 -37.10 -5.35
N GLN B 82 10.61 -37.76 -6.37
CA GLN B 82 11.33 -37.85 -7.64
C GLN B 82 10.87 -36.87 -8.72
N ILE B 83 10.50 -35.66 -8.32
CA ILE B 83 10.06 -34.64 -9.27
C ILE B 83 11.04 -33.48 -9.30
N PHE B 84 11.78 -33.32 -8.19
CA PHE B 84 12.78 -32.26 -8.11
C PHE B 84 13.97 -32.65 -8.98
N ARG B 85 14.48 -31.72 -9.77
CA ARG B 85 15.65 -32.00 -10.58
C ARG B 85 16.76 -32.10 -9.52
N PRO B 86 17.63 -33.11 -9.61
CA PRO B 86 18.72 -33.30 -8.64
C PRO B 86 19.52 -32.02 -8.37
N ASP B 87 19.59 -31.17 -9.37
CA ASP B 87 20.32 -29.92 -9.27
C ASP B 87 19.78 -29.12 -8.06
N ASN B 88 18.51 -29.33 -7.74
CA ASN B 88 17.83 -28.64 -6.64
C ASN B 88 18.38 -29.00 -5.27
N PHE B 89 18.82 -30.25 -5.12
CA PHE B 89 19.35 -30.73 -3.84
C PHE B 89 20.70 -30.14 -3.46
N VAL B 90 20.71 -29.11 -2.62
CA VAL B 90 21.97 -28.54 -2.18
C VAL B 90 22.21 -29.07 -0.77
N PHE B 91 22.82 -30.25 -0.72
CA PHE B 91 23.11 -30.93 0.54
C PHE B 91 24.44 -30.52 1.15
N GLY B 92 24.64 -30.88 2.41
CA GLY B 92 25.88 -30.58 3.09
C GLY B 92 26.14 -31.80 3.96
N GLN B 93 26.71 -32.84 3.39
CA GLN B 93 26.98 -34.08 4.12
C GLN B 93 27.73 -33.90 5.43
N SER B 94 28.14 -32.67 5.71
CA SER B 94 28.86 -32.34 6.94
C SER B 94 28.05 -32.80 8.15
N GLY B 95 28.44 -32.36 9.34
CA GLY B 95 27.69 -32.72 10.53
C GLY B 95 26.66 -31.62 10.70
N ALA B 96 25.41 -31.90 10.33
CA ALA B 96 24.35 -30.90 10.43
C ALA B 96 24.02 -30.49 11.87
N GLY B 97 25.04 -30.40 12.72
CA GLY B 97 24.85 -30.03 14.11
C GLY B 97 23.70 -29.09 14.37
N ASN B 98 23.04 -29.29 15.50
CA ASN B 98 21.88 -28.47 15.87
C ASN B 98 22.22 -27.06 16.31
N ASN B 99 23.34 -26.55 15.83
CA ASN B 99 23.78 -25.20 16.18
C ASN B 99 23.46 -24.19 15.09
N TRP B 100 23.18 -22.96 15.50
CA TRP B 100 22.85 -21.89 14.56
C TRP B 100 24.09 -21.39 13.83
N ALA B 101 25.14 -22.21 13.85
CA ALA B 101 26.40 -21.86 13.19
C ALA B 101 26.95 -23.02 12.39
N LYS B 102 26.11 -24.03 12.16
CA LYS B 102 26.52 -25.21 11.42
C LYS B 102 25.95 -25.21 10.01
N GLY B 103 24.63 -25.14 9.92
CA GLY B 103 23.96 -25.12 8.63
C GLY B 103 23.89 -23.74 8.03
N HIS B 104 24.69 -22.82 8.57
CA HIS B 104 24.72 -21.46 8.08
C HIS B 104 26.13 -20.98 7.84
N TYR B 105 27.10 -21.48 8.61
CA TYR B 105 28.48 -21.04 8.44
C TYR B 105 29.47 -22.12 8.03
N THR B 106 29.30 -23.32 8.55
CA THR B 106 30.25 -24.35 8.25
C THR B 106 29.85 -25.39 7.28
N GLU B 107 28.73 -26.04 7.51
CA GLU B 107 28.31 -27.09 6.61
C GLU B 107 27.47 -26.55 5.47
N GLY B 108 26.45 -25.76 5.79
CA GLY B 108 25.59 -25.22 4.76
C GLY B 108 26.26 -24.28 3.80
N ALA B 109 27.15 -23.44 4.31
CA ALA B 109 27.84 -22.47 3.50
C ALA B 109 28.49 -23.08 2.26
N GLU B 110 28.79 -24.37 2.31
CA GLU B 110 29.42 -25.02 1.17
C GLU B 110 28.36 -25.35 0.14
N LEU B 111 27.32 -26.04 0.60
CA LEU B 111 26.22 -26.47 -0.25
C LEU B 111 25.44 -25.32 -0.87
N VAL B 112 25.66 -24.11 -0.37
CA VAL B 112 24.96 -22.92 -0.85
C VAL B 112 25.15 -22.63 -2.33
N ASP B 113 26.40 -22.48 -2.75
CA ASP B 113 26.70 -22.18 -4.15
C ASP B 113 26.03 -23.17 -5.09
N SER B 114 26.01 -24.45 -4.72
CA SER B 114 25.38 -25.48 -5.54
C SER B 114 23.86 -25.37 -5.47
N VAL B 115 23.38 -24.41 -4.68
CA VAL B 115 21.94 -24.20 -4.55
C VAL B 115 21.67 -22.98 -5.42
N LEU B 116 22.26 -21.85 -5.02
CA LEU B 116 22.06 -20.59 -5.76
C LEU B 116 22.10 -20.86 -7.26
N ASP B 117 22.97 -21.80 -7.62
CA ASP B 117 23.17 -22.21 -9.01
C ASP B 117 21.81 -22.53 -9.59
N VAL B 118 21.09 -23.42 -8.91
CA VAL B 118 19.78 -23.83 -9.38
C VAL B 118 18.73 -22.73 -9.19
N VAL B 119 18.73 -22.07 -8.03
CA VAL B 119 17.76 -21.00 -7.78
C VAL B 119 17.82 -19.97 -8.92
N ARG B 120 18.91 -20.02 -9.70
CA ARG B 120 19.09 -19.10 -10.84
C ARG B 120 18.62 -19.81 -12.08
N LYS B 121 18.83 -21.11 -12.15
CA LYS B 121 18.39 -21.88 -13.30
C LYS B 121 16.86 -21.80 -13.36
N GLU B 122 16.23 -21.76 -12.19
CA GLU B 122 14.78 -21.71 -12.09
C GLU B 122 14.24 -20.30 -12.25
N SER B 123 14.98 -19.32 -11.75
CA SER B 123 14.55 -17.93 -11.85
C SER B 123 14.59 -17.47 -13.30
N GLU B 124 15.69 -17.82 -13.97
CA GLU B 124 15.89 -17.47 -15.37
C GLU B 124 15.13 -18.43 -16.27
N SER B 125 14.15 -19.11 -15.68
CA SER B 125 13.31 -20.05 -16.41
C SER B 125 12.76 -19.25 -17.57
N CYS B 126 11.63 -18.60 -17.33
CA CYS B 126 10.99 -17.78 -18.36
C CYS B 126 10.09 -16.70 -17.79
N ASP B 127 9.38 -16.03 -18.69
CA ASP B 127 8.47 -14.93 -18.39
C ASP B 127 9.05 -14.00 -17.33
N CYS B 128 8.22 -13.58 -16.39
CA CYS B 128 8.64 -12.67 -15.34
C CYS B 128 8.47 -13.27 -13.95
N LEU B 129 9.53 -13.20 -13.15
CA LEU B 129 9.52 -13.72 -11.80
C LEU B 129 8.89 -12.71 -10.84
N GLN B 130 8.13 -13.26 -9.91
CA GLN B 130 7.42 -12.48 -8.89
C GLN B 130 8.19 -12.52 -7.56
N GLY B 131 8.39 -13.74 -7.08
CA GLY B 131 9.11 -13.98 -5.81
C GLY B 131 9.29 -15.48 -5.57
N PHE B 132 9.81 -15.79 -4.39
CA PHE B 132 10.07 -17.17 -3.95
C PHE B 132 9.37 -17.49 -2.63
N GLN B 133 8.82 -18.70 -2.59
CA GLN B 133 8.17 -19.25 -1.40
C GLN B 133 9.23 -20.02 -0.61
N LEU B 134 9.23 -19.81 0.69
CA LEU B 134 10.22 -20.45 1.56
C LEU B 134 9.58 -21.11 2.78
N THR B 135 9.79 -22.40 2.86
CA THR B 135 9.29 -23.25 3.96
C THR B 135 10.48 -23.77 4.76
N HIS B 136 10.27 -23.82 6.06
CA HIS B 136 11.29 -24.29 6.99
C HIS B 136 10.84 -24.07 8.43
N SER B 137 11.66 -24.57 9.33
CA SER B 137 11.45 -24.45 10.76
C SER B 137 12.62 -23.72 11.38
N LEU B 138 12.32 -22.80 12.28
CA LEU B 138 13.33 -22.02 12.94
C LEU B 138 13.86 -22.72 14.18
N GLY B 139 13.81 -24.05 14.16
CA GLY B 139 14.29 -24.81 15.30
C GLY B 139 15.21 -25.96 14.92
N GLY B 140 16.18 -25.69 14.05
CA GLY B 140 17.11 -26.71 13.59
C GLY B 140 18.20 -26.16 12.69
N GLY B 141 19.28 -27.00 12.74
CA GLY B 141 20.71 -26.83 12.46
C GLY B 141 20.89 -26.40 11.08
N THR B 142 20.07 -26.97 10.23
CA THR B 142 19.99 -26.44 8.93
C THR B 142 18.62 -25.94 9.02
N GLY B 143 18.22 -24.94 8.22
CA GLY B 143 16.86 -24.49 8.32
C GLY B 143 16.94 -23.09 8.72
N SER B 144 16.85 -22.91 10.03
CA SER B 144 17.00 -21.62 10.53
C SER B 144 18.36 -21.16 10.12
N GLY B 145 19.29 -22.11 9.94
CA GLY B 145 20.59 -21.67 9.47
C GLY B 145 20.73 -21.65 7.96
N MET B 146 20.81 -22.84 7.36
CA MET B 146 20.98 -22.94 5.92
C MET B 146 19.88 -22.31 5.06
N GLY B 147 18.65 -22.34 5.55
CA GLY B 147 17.55 -21.77 4.78
C GLY B 147 17.55 -20.27 4.94
N THR B 148 18.01 -19.81 6.10
CA THR B 148 18.06 -18.40 6.39
C THR B 148 19.21 -17.79 5.63
N LEU B 149 20.09 -18.65 5.11
CA LEU B 149 21.21 -18.18 4.33
C LEU B 149 20.72 -18.09 2.89
N LEU B 150 20.05 -19.15 2.46
CA LEU B 150 19.53 -19.22 1.13
C LEU B 150 18.83 -17.95 0.77
N ILE B 151 18.14 -17.35 1.72
CA ILE B 151 17.43 -16.11 1.41
C ILE B 151 18.36 -14.91 1.40
N SER B 152 19.24 -14.81 2.39
CA SER B 152 20.17 -13.68 2.47
C SER B 152 20.90 -13.53 1.15
N LYS B 153 21.02 -14.64 0.42
CA LYS B 153 21.68 -14.68 -0.88
C LYS B 153 20.67 -14.33 -1.96
N ILE B 154 19.49 -14.92 -1.86
CA ILE B 154 18.41 -14.65 -2.81
C ILE B 154 18.16 -13.13 -2.85
N ARG B 155 17.98 -12.52 -1.68
CA ARG B 155 17.72 -11.08 -1.53
C ARG B 155 18.86 -10.15 -1.91
N GLU B 156 19.91 -10.70 -2.51
CA GLU B 156 21.06 -9.92 -2.92
C GLU B 156 21.09 -10.06 -4.41
N GLU B 157 20.47 -11.14 -4.86
CA GLU B 157 20.40 -11.48 -6.27
C GLU B 157 19.19 -10.88 -6.98
N TYR B 158 18.12 -10.63 -6.24
CA TYR B 158 16.95 -10.04 -6.86
C TYR B 158 16.17 -9.23 -5.83
N PRO B 159 16.77 -8.15 -5.32
CA PRO B 159 16.09 -7.31 -4.32
C PRO B 159 14.80 -6.69 -4.87
N ASP B 160 14.37 -7.21 -6.01
CA ASP B 160 13.16 -6.77 -6.68
C ASP B 160 12.04 -7.78 -6.43
N ARG B 161 12.27 -9.02 -6.80
CA ARG B 161 11.26 -10.05 -6.61
C ARG B 161 11.02 -10.21 -5.11
N ILE B 162 9.78 -10.55 -4.74
CA ILE B 162 9.41 -10.72 -3.34
C ILE B 162 9.90 -12.00 -2.67
N MET B 163 9.67 -12.08 -1.37
CA MET B 163 10.10 -13.22 -0.55
C MET B 163 9.16 -13.56 0.59
N ASN B 164 8.25 -14.49 0.33
CA ASN B 164 7.33 -14.92 1.34
C ASN B 164 8.05 -15.99 2.11
N THR B 165 7.89 -15.96 3.42
CA THR B 165 8.54 -16.95 4.24
C THR B 165 7.52 -17.61 5.14
N PHE B 166 7.50 -18.94 5.08
CA PHE B 166 6.62 -19.74 5.91
C PHE B 166 7.49 -20.41 6.98
N SER B 167 7.48 -19.81 8.16
CA SER B 167 8.27 -20.30 9.28
C SER B 167 7.44 -21.01 10.35
N VAL B 168 8.02 -22.09 10.87
CA VAL B 168 7.37 -22.86 11.89
C VAL B 168 8.01 -22.47 13.22
N VAL B 169 7.76 -21.22 13.62
CA VAL B 169 8.27 -20.70 14.88
C VAL B 169 8.07 -21.73 15.99
N PRO B 170 9.07 -21.87 16.86
CA PRO B 170 9.09 -22.80 18.00
C PRO B 170 7.86 -22.69 18.87
N SER B 171 7.05 -23.74 18.84
CA SER B 171 5.82 -23.80 19.61
C SER B 171 6.15 -23.63 21.09
N PRO B 172 5.24 -22.99 21.85
CA PRO B 172 5.47 -22.78 23.28
C PRO B 172 5.46 -24.05 24.16
N LYS B 173 4.33 -24.31 24.80
CA LYS B 173 4.16 -25.48 25.69
C LYS B 173 5.34 -26.45 25.70
N VAL B 174 5.62 -27.10 24.56
CA VAL B 174 6.72 -28.05 24.46
C VAL B 174 7.56 -27.84 23.23
N SER B 175 8.88 -27.82 23.40
CA SER B 175 9.80 -27.62 22.28
C SER B 175 10.32 -28.95 21.74
N ASP B 176 10.08 -29.17 20.45
CA ASP B 176 10.47 -30.41 19.80
C ASP B 176 11.96 -30.51 19.58
N THR B 177 12.70 -29.65 20.25
CA THR B 177 14.17 -29.61 20.22
C THR B 177 14.63 -28.91 21.50
N VAL B 178 15.93 -28.83 21.72
CA VAL B 178 16.43 -28.23 22.94
C VAL B 178 17.06 -26.86 22.83
N VAL B 179 17.83 -26.65 21.78
CA VAL B 179 18.49 -25.38 21.59
C VAL B 179 17.52 -24.43 20.90
N GLU B 180 16.44 -25.00 20.38
CA GLU B 180 15.38 -24.28 19.70
C GLU B 180 15.53 -22.76 19.65
N PRO B 181 15.48 -22.06 20.80
CA PRO B 181 15.63 -20.60 20.81
C PRO B 181 16.92 -20.10 20.18
N TYR B 182 17.92 -20.98 20.16
CA TYR B 182 19.21 -20.67 19.55
C TYR B 182 19.01 -20.68 18.04
N ASN B 183 18.62 -21.83 17.51
CA ASN B 183 18.37 -21.95 16.08
C ASN B 183 17.31 -20.93 15.63
N ALA B 184 16.40 -20.59 16.53
CA ALA B 184 15.32 -19.65 16.20
C ALA B 184 15.75 -18.21 16.18
N THR B 185 16.03 -17.67 17.36
CA THR B 185 16.45 -16.30 17.46
C THR B 185 17.40 -15.94 16.33
N LEU B 186 18.27 -16.88 15.99
CA LEU B 186 19.24 -16.66 14.93
C LEU B 186 18.65 -16.58 13.52
N SER B 187 17.56 -17.29 13.29
CA SER B 187 16.95 -17.27 11.98
C SER B 187 15.97 -16.12 11.82
N VAL B 188 15.22 -15.79 12.86
CA VAL B 188 14.26 -14.67 12.81
C VAL B 188 15.03 -13.40 12.44
N HIS B 189 16.21 -13.29 13.02
CA HIS B 189 17.14 -12.21 12.81
C HIS B 189 17.28 -12.01 11.29
N GLN B 190 17.70 -13.08 10.61
CA GLN B 190 17.91 -13.11 9.13
C GLN B 190 16.62 -12.79 8.37
N LEU B 191 15.49 -13.18 8.94
CA LEU B 191 14.18 -12.96 8.33
C LEU B 191 13.80 -11.48 8.33
N VAL B 192 13.81 -10.87 9.52
CA VAL B 192 13.46 -9.46 9.73
C VAL B 192 14.28 -8.58 8.83
N GLU B 193 15.18 -9.18 8.07
CA GLU B 193 16.05 -8.39 7.23
C GLU B 193 16.34 -8.87 5.83
N ASN B 194 15.45 -9.69 5.31
CA ASN B 194 15.58 -10.18 3.95
C ASN B 194 14.19 -10.45 3.37
N THR B 195 13.53 -11.55 3.76
CA THR B 195 12.17 -11.80 3.24
C THR B 195 11.25 -10.63 3.61
N ASP B 196 10.19 -10.38 2.84
CA ASP B 196 9.29 -9.26 3.16
C ASP B 196 7.85 -9.63 3.42
N GLU B 197 7.62 -10.91 3.71
CA GLU B 197 6.31 -11.48 4.04
C GLU B 197 6.58 -12.84 4.68
N THR B 198 6.26 -12.96 5.97
CA THR B 198 6.47 -14.20 6.70
C THR B 198 5.20 -14.70 7.32
N TYR B 199 4.91 -15.97 7.10
CA TYR B 199 3.71 -16.57 7.68
C TYR B 199 4.11 -17.66 8.72
N CYS B 200 4.11 -17.25 9.98
CA CYS B 200 4.50 -18.08 11.13
C CYS B 200 3.42 -19.04 11.61
N ILE B 201 3.71 -20.33 11.53
CA ILE B 201 2.77 -21.36 11.96
C ILE B 201 3.34 -22.17 13.12
N ASP B 202 2.62 -22.17 14.24
CA ASP B 202 3.04 -22.90 15.43
C ASP B 202 2.72 -24.38 15.29
N ASN B 203 3.52 -25.21 15.98
CA ASN B 203 3.32 -26.66 15.94
C ASN B 203 2.23 -27.12 16.89
N GLU B 204 2.30 -26.66 18.14
CA GLU B 204 1.32 -27.03 19.14
C GLU B 204 0.00 -26.29 18.94
N ALA B 205 0.06 -25.20 18.18
CA ALA B 205 -1.11 -24.40 17.90
C ALA B 205 -1.87 -25.25 16.88
N LEU B 206 -1.10 -26.04 16.14
CA LEU B 206 -1.62 -26.95 15.11
C LEU B 206 -2.27 -28.13 15.79
N TYR B 207 -1.52 -28.84 16.61
CA TYR B 207 -2.07 -29.98 17.30
C TYR B 207 -3.45 -29.57 17.73
N ASP B 208 -3.52 -28.62 18.66
CA ASP B 208 -4.80 -28.12 19.16
C ASP B 208 -5.78 -28.02 18.00
N ILE B 209 -5.54 -27.05 17.13
CA ILE B 209 -6.39 -26.82 15.98
C ILE B 209 -6.60 -28.07 15.12
N CYS B 210 -5.80 -29.09 15.38
CA CYS B 210 -5.87 -30.32 14.60
C CYS B 210 -6.46 -31.49 15.37
N PHE B 211 -6.55 -31.35 16.69
CA PHE B 211 -7.10 -32.40 17.54
C PHE B 211 -8.47 -32.02 18.11
N ARG B 212 -8.84 -30.75 17.98
CA ARG B 212 -10.14 -30.33 18.48
C ARG B 212 -10.99 -29.70 17.36
N THR B 213 -10.34 -29.23 16.30
CA THR B 213 -11.06 -28.63 15.17
C THR B 213 -11.13 -29.65 14.05
N LEU B 214 -10.51 -30.79 14.32
CA LEU B 214 -10.47 -31.96 13.46
C LEU B 214 -10.38 -32.99 14.57
N LYS B 215 -11.48 -33.66 14.87
CA LYS B 215 -11.48 -34.63 15.94
C LYS B 215 -10.30 -35.59 15.82
N LEU B 216 -9.41 -35.33 14.86
CA LEU B 216 -8.23 -36.14 14.62
C LEU B 216 -7.51 -36.51 15.92
N THR B 217 -7.47 -37.81 16.22
CA THR B 217 -6.85 -38.31 17.45
C THR B 217 -5.33 -38.59 17.35
N THR B 218 -4.86 -38.96 16.16
CA THR B 218 -3.44 -39.22 15.97
C THR B 218 -2.84 -38.28 14.92
N PRO B 219 -2.69 -37.01 15.27
CA PRO B 219 -2.14 -36.02 14.36
C PRO B 219 -0.65 -36.19 14.11
N THR B 220 -0.31 -37.01 13.13
CA THR B 220 1.09 -37.23 12.81
C THR B 220 1.67 -35.92 12.28
N TYR B 221 2.99 -35.84 12.15
CA TYR B 221 3.60 -34.63 11.62
C TYR B 221 3.03 -34.38 10.24
N GLY B 222 3.10 -35.41 9.39
CA GLY B 222 2.59 -35.29 8.04
C GLY B 222 1.36 -34.40 8.00
N ASP B 223 0.49 -34.61 8.99
CA ASP B 223 -0.73 -33.84 9.09
C ASP B 223 -0.40 -32.38 9.29
N LEU B 224 0.09 -32.04 10.48
CA LEU B 224 0.45 -30.67 10.78
C LEU B 224 0.94 -30.02 9.51
N ASN B 225 2.02 -30.60 8.98
CA ASN B 225 2.63 -30.10 7.75
C ASN B 225 1.54 -29.87 6.71
N HIS B 226 0.75 -30.90 6.49
CA HIS B 226 -0.32 -30.85 5.53
C HIS B 226 -1.25 -29.65 5.75
N LEU B 227 -1.64 -29.41 7.00
CA LEU B 227 -2.50 -28.28 7.31
C LEU B 227 -1.83 -26.97 6.93
N VAL B 228 -0.59 -26.83 7.35
CA VAL B 228 0.22 -25.63 7.07
C VAL B 228 0.24 -25.37 5.55
N SER B 229 0.74 -26.37 4.85
CA SER B 229 0.88 -26.34 3.39
C SER B 229 -0.44 -25.91 2.72
N ALA B 230 -1.51 -26.14 3.44
CA ALA B 230 -2.86 -25.81 2.97
C ALA B 230 -3.06 -24.30 2.93
N THR B 231 -2.43 -23.64 3.88
CA THR B 231 -2.52 -22.19 4.04
C THR B 231 -1.61 -21.45 3.04
N MET B 232 -0.40 -21.95 2.90
CA MET B 232 0.59 -21.34 2.01
C MET B 232 0.17 -21.49 0.53
N SER B 233 -0.81 -22.35 0.30
CA SER B 233 -1.35 -22.58 -1.05
C SER B 233 -2.44 -21.55 -1.34
N GLY B 234 -3.17 -21.23 -0.28
CA GLY B 234 -4.25 -20.25 -0.34
C GLY B 234 -3.67 -18.85 -0.58
N VAL B 235 -2.53 -18.64 0.05
CA VAL B 235 -1.79 -17.38 -0.02
C VAL B 235 -1.34 -17.12 -1.47
N THR B 236 -0.17 -17.65 -1.75
CA THR B 236 0.47 -17.53 -3.07
C THR B 236 -0.43 -18.11 -4.18
N THR B 237 0.07 -19.21 -4.71
CA THR B 237 -0.56 -19.97 -5.82
C THR B 237 -1.98 -19.50 -6.09
N CYS B 238 -2.79 -19.51 -5.03
CA CYS B 238 -4.18 -19.09 -5.12
C CYS B 238 -4.32 -17.79 -5.87
N LEU B 239 -3.83 -16.71 -5.26
CA LEU B 239 -3.95 -15.40 -5.88
C LEU B 239 -3.41 -15.32 -7.29
N ARG B 240 -2.68 -16.34 -7.70
CA ARG B 240 -2.15 -16.37 -9.04
C ARG B 240 -3.19 -17.04 -9.90
N PHE B 241 -4.44 -16.88 -9.45
CA PHE B 241 -5.62 -17.38 -10.13
C PHE B 241 -6.48 -16.15 -10.36
N PRO B 242 -7.53 -16.28 -11.16
CA PRO B 242 -8.40 -15.14 -11.43
C PRO B 242 -9.19 -14.81 -10.18
N GLY B 243 -10.01 -13.78 -10.25
CA GLY B 243 -10.83 -13.40 -9.11
C GLY B 243 -11.53 -12.07 -9.35
N GLN B 244 -12.68 -11.88 -8.72
CA GLN B 244 -13.39 -10.63 -8.90
C GLN B 244 -12.43 -9.56 -8.43
N LEU B 245 -11.79 -9.83 -7.31
CA LEU B 245 -10.83 -8.92 -6.71
C LEU B 245 -9.60 -9.72 -6.29
N ASN B 246 -8.63 -9.83 -7.19
CA ASN B 246 -7.45 -10.59 -6.84
C ASN B 246 -6.30 -9.71 -6.42
N ALA B 247 -5.42 -10.30 -5.64
CA ALA B 247 -4.24 -9.63 -5.14
C ALA B 247 -3.08 -10.56 -5.46
N ASP B 248 -1.89 -10.22 -4.96
CA ASP B 248 -0.68 -11.02 -5.20
C ASP B 248 0.37 -10.53 -4.22
N LEU B 249 1.16 -11.47 -3.69
CA LEU B 249 2.21 -11.14 -2.74
C LEU B 249 2.26 -9.63 -2.48
N ARG B 250 2.68 -8.87 -3.49
CA ARG B 250 2.77 -7.42 -3.37
C ARG B 250 1.52 -6.84 -2.70
N LYS B 251 0.36 -7.19 -3.22
CA LYS B 251 -0.90 -6.70 -2.67
C LYS B 251 -1.04 -7.08 -1.20
N LEU B 252 -0.60 -8.28 -0.85
CA LEU B 252 -0.68 -8.75 0.53
C LEU B 252 0.33 -8.03 1.42
N ALA B 253 1.44 -7.62 0.83
CA ALA B 253 2.49 -6.91 1.57
C ALA B 253 2.19 -5.42 1.65
N VAL B 254 1.90 -4.82 0.49
CA VAL B 254 1.59 -3.40 0.43
C VAL B 254 0.28 -3.07 1.14
N ASN B 255 -0.36 -4.11 1.67
CA ASN B 255 -1.63 -3.93 2.38
C ASN B 255 -1.59 -4.53 3.77
N MET B 256 -0.45 -5.10 4.14
CA MET B 256 -0.30 -5.70 5.44
C MET B 256 0.84 -5.22 6.29
N VAL B 257 1.78 -4.52 5.70
CA VAL B 257 2.90 -4.06 6.50
C VAL B 257 2.91 -2.56 6.65
N PRO B 258 2.39 -2.07 7.78
CA PRO B 258 2.36 -0.62 7.98
C PRO B 258 3.78 -0.13 8.25
N PHE B 259 4.56 -0.90 8.98
CA PHE B 259 5.91 -0.44 9.28
C PHE B 259 7.01 -1.47 9.03
N PRO B 260 7.93 -1.14 8.11
CA PRO B 260 9.11 -1.85 7.60
C PRO B 260 9.75 -2.99 8.37
N ARG B 261 9.45 -3.15 9.65
CA ARG B 261 10.06 -4.26 10.39
C ARG B 261 10.03 -5.50 9.50
N LEU B 262 8.87 -5.74 8.92
CA LEU B 262 8.59 -6.86 8.03
C LEU B 262 7.34 -7.45 8.64
N HIS B 263 7.30 -7.45 9.95
CA HIS B 263 6.16 -7.96 10.66
C HIS B 263 5.80 -9.37 10.25
N PHE B 264 5.33 -10.11 11.24
CA PHE B 264 4.99 -11.49 11.05
C PHE B 264 3.50 -11.62 11.22
N PHE B 265 2.95 -12.54 10.46
CA PHE B 265 1.52 -12.78 10.46
C PHE B 265 1.19 -14.10 11.13
N MET B 266 -0.05 -14.53 10.98
CA MET B 266 -0.49 -15.76 11.57
C MET B 266 -1.56 -16.23 10.64
N PRO B 267 -1.27 -17.27 9.84
CA PRO B 267 -2.23 -17.82 8.88
C PRO B 267 -3.35 -18.68 9.49
N GLY B 268 -4.51 -18.65 8.85
CA GLY B 268 -5.67 -19.41 9.29
C GLY B 268 -6.46 -19.86 8.08
N PHE B 269 -6.81 -21.13 8.04
CA PHE B 269 -7.58 -21.67 6.92
C PHE B 269 -9.07 -21.54 7.23
N ALA B 270 -9.91 -21.66 6.20
CA ALA B 270 -11.35 -21.55 6.39
C ALA B 270 -12.07 -22.83 6.74
N PRO B 271 -12.54 -23.58 5.72
CA PRO B 271 -13.26 -24.79 6.13
C PRO B 271 -12.36 -25.74 6.86
N LEU B 272 -12.46 -25.78 8.18
CA LEU B 272 -11.65 -26.69 8.93
C LEU B 272 -12.57 -27.57 9.75
N THR B 273 -13.31 -28.42 9.05
CA THR B 273 -14.27 -29.31 9.71
C THR B 273 -13.81 -30.78 9.63
N SER B 274 -14.12 -31.55 10.67
CA SER B 274 -13.76 -32.97 10.71
C SER B 274 -14.39 -33.69 9.53
N ARG B 275 -13.78 -34.78 9.07
CA ARG B 275 -14.29 -35.48 7.89
C ARG B 275 -15.80 -35.75 7.79
N GLY B 276 -16.20 -37.01 7.96
CA GLY B 276 -17.62 -37.36 7.86
C GLY B 276 -18.62 -36.38 8.41
N SER B 277 -19.11 -36.63 9.62
CA SER B 277 -20.08 -35.79 10.32
C SER B 277 -20.03 -34.33 10.02
N GLN B 278 -19.21 -33.61 10.78
CA GLN B 278 -19.05 -32.16 10.65
C GLN B 278 -19.38 -31.56 9.30
N GLN B 279 -19.09 -32.30 8.21
CA GLN B 279 -19.34 -31.91 6.80
C GLN B 279 -20.73 -31.29 6.77
N TYR B 280 -20.80 -30.19 7.50
CA TYR B 280 -21.98 -29.41 7.70
C TYR B 280 -22.26 -28.49 6.56
N ARG B 281 -21.22 -28.16 5.80
CA ARG B 281 -21.39 -27.28 4.65
C ARG B 281 -21.76 -25.91 5.10
N ALA B 282 -21.86 -25.66 6.41
CA ALA B 282 -22.18 -24.31 6.87
C ALA B 282 -20.96 -23.55 6.39
N LEU B 283 -20.99 -23.17 5.13
CA LEU B 283 -19.88 -22.44 4.53
C LEU B 283 -20.47 -21.35 3.67
N THR B 284 -21.70 -20.90 3.97
CA THR B 284 -22.31 -19.85 3.15
C THR B 284 -21.30 -18.70 3.03
N VAL B 285 -20.64 -18.35 4.14
CA VAL B 285 -19.61 -17.31 4.24
C VAL B 285 -19.51 -16.83 5.67
N PRO B 286 -20.65 -16.46 6.29
CA PRO B 286 -20.53 -16.01 7.67
C PRO B 286 -19.86 -17.11 8.44
N GLU B 287 -19.89 -18.31 7.89
CA GLU B 287 -19.32 -19.44 8.57
C GLU B 287 -17.82 -19.44 8.43
N LEU B 288 -17.31 -18.93 7.31
CA LEU B 288 -15.87 -18.85 7.11
C LEU B 288 -15.26 -17.74 7.96
N THR B 289 -15.91 -16.58 8.01
CA THR B 289 -15.38 -15.50 8.83
C THR B 289 -15.57 -15.92 10.27
N GLN B 290 -16.62 -16.68 10.55
CA GLN B 290 -16.82 -17.14 11.91
C GLN B 290 -15.51 -17.85 12.22
N GLN B 291 -15.19 -18.84 11.40
CA GLN B 291 -13.98 -19.62 11.55
C GLN B 291 -12.79 -18.67 11.69
N MET B 292 -12.12 -18.41 10.56
CA MET B 292 -10.94 -17.56 10.47
C MET B 292 -10.71 -16.57 11.62
N PHE B 293 -11.72 -15.81 12.01
CA PHE B 293 -11.54 -14.83 13.06
C PHE B 293 -11.67 -15.25 14.51
N ASP B 294 -11.78 -16.53 14.79
CA ASP B 294 -11.88 -16.97 16.18
C ASP B 294 -10.45 -17.10 16.72
N ALA B 295 -10.32 -17.28 18.02
CA ALA B 295 -9.00 -17.45 18.62
C ALA B 295 -8.49 -18.74 18.02
N LYS B 296 -8.83 -19.87 18.63
CA LYS B 296 -8.39 -21.14 18.10
C LYS B 296 -8.63 -21.04 16.61
N ASN B 297 -7.76 -21.67 15.84
CA ASN B 297 -7.81 -21.68 14.39
C ASN B 297 -6.75 -20.77 13.83
N MET B 298 -5.97 -20.15 14.72
CA MET B 298 -4.87 -19.29 14.30
C MET B 298 -3.61 -20.12 14.46
N MET B 299 -3.04 -20.59 13.35
CA MET B 299 -1.85 -21.42 13.40
C MET B 299 -0.79 -20.92 14.36
N ALA B 300 -0.89 -19.66 14.75
CA ALA B 300 0.05 -19.07 15.68
C ALA B 300 -0.24 -19.64 17.06
N ALA B 301 0.62 -19.34 18.02
CA ALA B 301 0.41 -19.85 19.37
C ALA B 301 -0.45 -18.85 20.10
N CYS B 302 -0.07 -17.59 19.99
CA CYS B 302 -0.80 -16.55 20.66
C CYS B 302 -2.22 -16.45 20.15
N ASP B 303 -3.06 -15.80 20.96
CA ASP B 303 -4.45 -15.61 20.64
C ASP B 303 -4.75 -14.14 20.32
N PRO B 304 -5.26 -13.89 19.11
CA PRO B 304 -5.61 -12.56 18.64
C PRO B 304 -6.31 -11.75 19.71
N ARG B 305 -7.27 -12.39 20.36
CA ARG B 305 -8.05 -11.77 21.40
C ARG B 305 -7.16 -11.11 22.44
N HIS B 306 -5.86 -11.34 22.34
CA HIS B 306 -4.88 -10.78 23.28
C HIS B 306 -4.11 -9.59 22.71
N GLY B 307 -4.62 -8.98 21.66
CA GLY B 307 -3.95 -7.86 21.06
C GLY B 307 -4.51 -7.45 19.71
N ARG B 308 -4.71 -6.14 19.52
CA ARG B 308 -5.26 -5.59 18.28
C ARG B 308 -4.62 -6.16 17.03
N TYR B 309 -5.19 -5.79 15.90
CA TYR B 309 -4.69 -6.19 14.60
C TYR B 309 -4.26 -4.92 13.89
N LEU B 310 -3.37 -5.04 12.92
CA LEU B 310 -2.95 -3.89 12.16
C LEU B 310 -3.56 -4.10 10.81
N THR B 311 -3.46 -5.32 10.34
CA THR B 311 -3.99 -5.64 9.04
C THR B 311 -4.49 -7.07 9.04
N VAL B 312 -5.37 -7.35 8.10
CA VAL B 312 -5.93 -8.67 7.96
C VAL B 312 -6.18 -8.85 6.48
N ALA B 313 -6.02 -10.07 6.00
CA ALA B 313 -6.20 -10.34 4.59
C ALA B 313 -6.95 -11.62 4.41
N ALA B 314 -8.25 -11.53 4.23
CA ALA B 314 -9.03 -12.74 4.03
C ALA B 314 -8.90 -13.03 2.57
N VAL B 315 -8.02 -13.94 2.22
CA VAL B 315 -7.83 -14.29 0.83
C VAL B 315 -8.78 -15.48 0.52
N PHE B 316 -10.04 -15.17 0.19
CA PHE B 316 -11.02 -16.20 -0.11
C PHE B 316 -10.75 -16.73 -1.51
N ARG B 317 -11.21 -17.95 -1.78
CA ARG B 317 -11.05 -18.56 -3.09
C ARG B 317 -12.16 -19.56 -3.37
N GLY B 318 -13.31 -19.04 -3.81
CA GLY B 318 -14.48 -19.86 -4.11
C GLY B 318 -15.60 -18.89 -4.40
N ARG B 319 -16.33 -19.09 -5.51
CA ARG B 319 -17.42 -18.19 -5.89
C ARG B 319 -18.36 -17.70 -4.77
N MET B 320 -18.34 -16.39 -4.55
CA MET B 320 -19.16 -15.72 -3.53
C MET B 320 -19.47 -14.29 -3.91
N SER B 321 -20.43 -13.71 -3.20
CA SER B 321 -20.89 -12.34 -3.43
C SER B 321 -19.99 -11.28 -2.85
N MET B 322 -19.43 -10.46 -3.73
CA MET B 322 -18.57 -9.37 -3.32
C MET B 322 -19.33 -8.51 -2.35
N LYS B 323 -20.58 -8.87 -2.13
CA LYS B 323 -21.42 -8.15 -1.19
C LYS B 323 -21.41 -8.89 0.13
N GLU B 324 -21.71 -10.19 0.13
CA GLU B 324 -21.71 -10.94 1.38
C GLU B 324 -20.31 -11.13 1.93
N VAL B 325 -19.33 -10.72 1.14
CA VAL B 325 -17.93 -10.81 1.55
C VAL B 325 -17.59 -9.45 2.10
N ASP B 326 -17.65 -8.44 1.23
CA ASP B 326 -17.35 -7.10 1.64
C ASP B 326 -18.16 -6.69 2.85
N GLU B 327 -19.39 -7.21 2.95
CA GLU B 327 -20.26 -6.88 4.06
C GLU B 327 -19.81 -7.51 5.38
N GLN B 328 -19.83 -8.83 5.44
CA GLN B 328 -19.44 -9.57 6.62
C GLN B 328 -18.23 -8.89 7.28
N MET B 329 -17.15 -8.78 6.51
CA MET B 329 -15.91 -8.16 6.96
C MET B 329 -16.15 -6.95 7.85
N LEU B 330 -17.19 -6.20 7.50
CA LEU B 330 -17.54 -5.00 8.25
C LEU B 330 -18.03 -5.28 9.66
N ASN B 331 -19.17 -5.95 9.78
CA ASN B 331 -19.71 -6.28 11.08
C ASN B 331 -18.56 -6.79 11.91
N VAL B 332 -17.78 -7.69 11.33
CA VAL B 332 -16.63 -8.24 12.02
C VAL B 332 -15.77 -7.11 12.54
N GLN B 333 -15.57 -6.08 11.72
CA GLN B 333 -14.76 -4.94 12.12
C GLN B 333 -15.42 -4.06 13.15
N ASN B 334 -16.72 -4.24 13.35
CA ASN B 334 -17.44 -3.44 14.32
C ASN B 334 -17.78 -4.19 15.61
N LYS B 335 -18.01 -5.50 15.50
CA LYS B 335 -18.31 -6.30 16.68
C LYS B 335 -17.04 -6.37 17.54
N ASN B 336 -15.90 -6.19 16.89
CA ASN B 336 -14.62 -6.27 17.59
C ASN B 336 -13.79 -5.01 17.46
N SER B 337 -14.45 -3.87 17.34
CA SER B 337 -13.75 -2.59 17.22
C SER B 337 -12.66 -2.54 18.28
N SER B 338 -12.97 -3.13 19.43
CA SER B 338 -12.06 -3.20 20.56
C SER B 338 -10.67 -3.56 20.03
N TYR B 339 -10.53 -4.79 19.56
CA TYR B 339 -9.25 -5.22 19.02
C TYR B 339 -9.23 -5.30 17.52
N PHE B 340 -8.67 -4.26 16.93
CA PHE B 340 -8.59 -4.14 15.48
C PHE B 340 -7.88 -2.85 15.13
N VAL B 341 -7.30 -2.21 16.14
CA VAL B 341 -6.57 -0.94 15.99
C VAL B 341 -7.44 0.08 15.25
N GLU B 342 -7.17 1.38 15.56
CA GLU B 342 -7.89 2.63 15.43
C GLU B 342 -8.65 2.77 14.15
N TRP B 343 -8.13 2.20 13.07
CA TRP B 343 -8.80 2.27 11.78
C TRP B 343 -9.85 1.17 11.63
N ILE B 344 -11.04 1.43 12.15
CA ILE B 344 -12.13 0.46 12.08
C ILE B 344 -12.60 0.27 10.65
N PRO B 345 -13.25 1.28 10.09
CA PRO B 345 -13.76 1.21 8.71
C PRO B 345 -12.74 0.59 7.77
N ASN B 346 -11.81 -0.19 8.32
CA ASN B 346 -10.79 -0.85 7.53
C ASN B 346 -10.06 -1.93 8.31
N ASN B 347 -8.81 -2.19 7.93
CA ASN B 347 -8.02 -3.22 8.60
C ASN B 347 -8.40 -4.62 8.18
N VAL B 348 -9.11 -4.73 7.06
CA VAL B 348 -9.56 -6.02 6.54
C VAL B 348 -9.45 -6.08 5.03
N LYS B 349 -8.22 -6.28 4.53
CA LYS B 349 -7.99 -6.35 3.10
C LYS B 349 -8.67 -7.57 2.49
N THR B 350 -9.86 -7.35 1.92
CA THR B 350 -10.62 -8.42 1.30
C THR B 350 -10.02 -8.81 -0.05
N ALA B 351 -9.82 -10.11 -0.25
CA ALA B 351 -9.25 -10.62 -1.48
C ALA B 351 -10.20 -11.68 -1.92
N VAL B 352 -10.37 -11.86 -3.23
CA VAL B 352 -11.30 -12.88 -3.70
C VAL B 352 -10.97 -13.56 -5.02
N CYS B 353 -10.50 -14.79 -4.89
CA CYS B 353 -10.16 -15.61 -6.04
C CYS B 353 -11.50 -16.15 -6.56
N ASP B 354 -11.43 -17.14 -7.43
CA ASP B 354 -12.63 -17.75 -7.97
C ASP B 354 -12.58 -19.24 -7.68
N ILE B 355 -11.75 -19.96 -8.42
CA ILE B 355 -11.63 -21.39 -8.22
C ILE B 355 -11.19 -21.66 -6.78
N PRO B 356 -11.85 -22.60 -6.10
CA PRO B 356 -11.54 -22.97 -4.72
C PRO B 356 -10.58 -24.16 -4.60
N PRO B 357 -10.30 -24.59 -3.36
CA PRO B 357 -9.41 -25.72 -3.17
C PRO B 357 -10.02 -26.95 -3.83
N ARG B 358 -9.37 -27.41 -4.90
CA ARG B 358 -9.81 -28.55 -5.67
C ARG B 358 -11.13 -29.19 -5.24
N GLY B 359 -11.10 -29.97 -4.16
CA GLY B 359 -12.32 -30.65 -3.73
C GLY B 359 -13.36 -29.91 -2.89
N LEU B 360 -13.08 -28.66 -2.55
CA LEU B 360 -13.99 -27.91 -1.70
C LEU B 360 -14.82 -26.87 -2.47
N LYS B 361 -15.91 -26.43 -1.86
CA LYS B 361 -16.80 -25.44 -2.48
C LYS B 361 -16.39 -24.01 -2.19
N MET B 362 -15.94 -23.75 -0.97
CA MET B 362 -15.56 -22.40 -0.57
C MET B 362 -14.60 -22.40 0.61
N SER B 363 -13.48 -21.69 0.43
CA SER B 363 -12.45 -21.54 1.45
C SER B 363 -11.98 -20.10 1.50
N ALA B 364 -11.09 -19.79 2.44
CA ALA B 364 -10.55 -18.43 2.61
C ALA B 364 -9.37 -18.39 3.56
N THR B 365 -8.19 -18.17 3.00
CA THR B 365 -6.99 -18.08 3.80
C THR B 365 -6.99 -16.77 4.56
N PHE B 366 -6.49 -16.82 5.79
CA PHE B 366 -6.44 -15.65 6.65
C PHE B 366 -4.99 -15.35 6.98
N ILE B 367 -4.61 -14.11 6.77
CA ILE B 367 -3.24 -13.71 7.05
C ILE B 367 -3.34 -12.52 7.97
N GLY B 368 -3.24 -12.78 9.26
CA GLY B 368 -3.35 -11.69 10.22
C GLY B 368 -2.07 -11.07 10.73
N ASN B 369 -2.04 -9.74 10.78
CA ASN B 369 -0.88 -9.03 11.28
C ASN B 369 -1.20 -8.46 12.63
N SER B 370 -1.57 -9.31 13.58
CA SER B 370 -1.91 -8.78 14.89
C SER B 370 -0.76 -8.55 15.82
N THR B 371 -0.27 -7.05 15.94
CA THR B 371 0.76 -6.65 16.88
C THR B 371 0.85 -7.70 17.97
N ALA B 372 -0.07 -8.65 17.91
CA ALA B 372 -0.09 -9.72 18.90
C ALA B 372 1.13 -10.59 18.81
N ILE B 373 1.67 -10.75 17.61
CA ILE B 373 2.82 -11.60 17.44
C ILE B 373 4.01 -11.08 18.19
N GLN B 374 3.80 -10.02 18.95
CA GLN B 374 4.84 -9.45 19.78
C GLN B 374 5.08 -10.53 20.84
N GLU B 375 3.99 -10.96 21.45
CA GLU B 375 4.01 -11.99 22.47
C GLU B 375 4.45 -13.36 22.00
N LEU B 376 5.38 -13.42 21.06
CA LEU B 376 5.89 -14.71 20.62
C LEU B 376 7.37 -14.58 20.47
N PHE B 377 7.79 -13.48 19.88
CA PHE B 377 9.19 -13.23 19.71
C PHE B 377 9.68 -12.95 21.12
N LYS B 378 8.76 -12.51 21.98
CA LYS B 378 9.08 -12.27 23.37
C LYS B 378 9.49 -13.62 23.88
N ARG B 379 8.54 -14.56 23.80
CA ARG B 379 8.75 -15.92 24.23
C ARG B 379 10.13 -16.36 23.80
N ILE B 380 10.29 -16.57 22.49
CA ILE B 380 11.54 -16.98 21.93
C ILE B 380 12.68 -16.24 22.60
N SER B 381 12.69 -14.92 22.46
CA SER B 381 13.73 -14.09 23.03
C SER B 381 13.99 -14.41 24.49
N GLU B 382 12.95 -14.70 25.25
CA GLU B 382 13.14 -15.05 26.65
C GLU B 382 13.99 -16.32 26.73
N GLN B 383 13.46 -17.43 26.23
CA GLN B 383 14.14 -18.71 26.24
C GLN B 383 15.63 -18.57 25.96
N PHE B 384 15.96 -17.68 25.03
CA PHE B 384 17.36 -17.45 24.67
C PHE B 384 18.10 -17.03 25.92
N THR B 385 17.92 -15.77 26.29
CA THR B 385 18.55 -15.21 27.48
C THR B 385 18.67 -16.18 28.67
N ALA B 386 17.56 -16.80 29.05
CA ALA B 386 17.55 -17.73 30.19
C ALA B 386 18.60 -18.80 30.03
N MET B 387 18.93 -19.12 28.78
CA MET B 387 19.95 -20.13 28.50
C MET B 387 21.23 -19.55 27.96
N PHE B 388 21.11 -18.42 27.30
CA PHE B 388 22.30 -17.81 26.79
C PHE B 388 23.09 -17.47 28.02
N ARG B 389 22.45 -16.76 28.95
CA ARG B 389 23.13 -16.37 30.17
C ARG B 389 24.16 -17.41 30.62
N ARG B 390 23.82 -18.69 30.51
CA ARG B 390 24.75 -19.74 30.93
C ARG B 390 25.48 -20.40 29.78
N LYS B 391 25.32 -19.84 28.58
CA LYS B 391 25.97 -20.34 27.36
C LYS B 391 25.68 -21.80 27.11
N ALA B 392 24.56 -22.27 27.66
CA ALA B 392 24.10 -23.65 27.58
C ALA B 392 24.78 -24.47 26.51
N PHE B 393 24.08 -24.79 25.44
CA PHE B 393 24.71 -25.60 24.39
C PHE B 393 25.37 -24.67 23.39
N LEU B 394 26.21 -23.78 23.87
CA LEU B 394 26.84 -22.84 22.99
C LEU B 394 28.08 -23.42 22.32
N HIS B 395 28.78 -24.34 23.00
CA HIS B 395 29.98 -24.89 22.41
C HIS B 395 29.75 -25.58 21.06
N TRP B 396 28.52 -26.01 20.81
CA TRP B 396 28.18 -26.66 19.55
C TRP B 396 28.06 -25.64 18.44
N TYR B 397 28.01 -24.37 18.82
CA TYR B 397 27.91 -23.30 17.83
C TYR B 397 29.32 -22.79 17.60
N THR B 398 29.89 -22.19 18.64
CA THR B 398 31.25 -21.64 18.55
C THR B 398 32.20 -22.67 17.96
N GLY B 399 32.20 -23.87 18.54
CA GLY B 399 33.07 -24.94 18.06
C GLY B 399 32.89 -25.20 16.58
N GLU B 400 31.88 -24.55 16.00
CA GLU B 400 31.60 -24.69 14.59
C GLU B 400 31.96 -23.39 13.88
N GLY B 401 32.78 -22.59 14.53
CA GLY B 401 33.16 -21.33 13.93
C GLY B 401 31.97 -20.40 13.97
N MET B 402 31.74 -19.84 15.15
CA MET B 402 30.65 -18.90 15.37
C MET B 402 31.26 -17.76 16.17
N ASP B 403 30.41 -16.90 16.72
CA ASP B 403 30.88 -15.77 17.49
C ASP B 403 30.00 -15.54 18.72
N GLU B 404 30.60 -15.07 19.80
CA GLU B 404 29.86 -14.80 21.04
C GLU B 404 29.08 -13.51 20.85
N MET B 405 29.44 -12.78 19.81
CA MET B 405 28.79 -11.51 19.48
C MET B 405 27.68 -11.76 18.44
N GLU B 406 27.71 -12.92 17.80
CA GLU B 406 26.70 -13.29 16.82
C GLU B 406 25.34 -13.50 17.50
N PHE B 407 25.37 -14.29 18.57
CA PHE B 407 24.17 -14.56 19.34
C PHE B 407 23.67 -13.28 19.93
N THR B 408 24.59 -12.45 20.42
CA THR B 408 24.20 -11.18 21.02
C THR B 408 23.39 -10.42 19.98
N GLU B 409 24.00 -10.27 18.83
CA GLU B 409 23.41 -9.58 17.70
C GLU B 409 21.95 -9.97 17.48
N ALA B 410 21.74 -11.21 17.05
CA ALA B 410 20.41 -11.71 16.78
C ALA B 410 19.41 -11.39 17.87
N GLU B 411 19.64 -11.89 19.07
CA GLU B 411 18.71 -11.63 20.15
C GLU B 411 18.29 -10.18 20.14
N SER B 412 19.27 -9.30 20.33
CA SER B 412 19.00 -7.87 20.35
C SER B 412 18.09 -7.54 19.19
N ASN B 413 18.62 -7.66 17.97
CA ASN B 413 17.85 -7.39 16.76
C ASN B 413 16.43 -7.88 16.92
N MET B 414 16.26 -9.19 16.90
CA MET B 414 14.93 -9.77 17.04
C MET B 414 14.25 -9.29 18.31
N ASN B 415 15.03 -8.95 19.32
CA ASN B 415 14.49 -8.47 20.60
C ASN B 415 13.92 -7.06 20.42
N ASP B 416 14.63 -6.24 19.64
CA ASP B 416 14.19 -4.88 19.35
C ASP B 416 12.92 -5.00 18.53
N LEU B 417 12.92 -5.96 17.62
CA LEU B 417 11.80 -6.24 16.74
C LEU B 417 10.49 -6.36 17.54
N VAL B 418 10.61 -6.83 18.78
CA VAL B 418 9.47 -6.97 19.69
C VAL B 418 9.05 -5.57 20.08
N SER B 419 10.04 -4.79 20.49
CA SER B 419 9.85 -3.42 20.89
C SER B 419 8.95 -2.69 19.89
N GLU B 420 9.52 -2.46 18.73
CA GLU B 420 8.87 -1.74 17.62
C GLU B 420 7.38 -2.10 17.51
N TYR B 421 7.13 -3.38 17.32
CA TYR B 421 5.77 -3.92 17.12
C TYR B 421 4.78 -3.38 18.15
N GLN B 422 5.30 -2.98 19.30
CA GLN B 422 4.46 -2.45 20.39
C GLN B 422 4.15 -0.98 20.12
N GLN B 423 5.03 -0.35 19.37
CA GLN B 423 4.93 1.07 19.02
C GLN B 423 3.62 1.38 18.30
N TYR B 424 2.90 0.33 17.93
CA TYR B 424 1.66 0.47 17.18
C TYR B 424 0.47 -0.06 18.01
N GLN B 425 0.76 -1.03 18.84
CA GLN B 425 -0.26 -1.57 19.76
C GLN B 425 -0.70 -0.40 20.65
N ASP B 426 0.10 0.67 20.60
CA ASP B 426 -0.15 1.89 21.37
C ASP B 426 -0.20 3.12 20.47
N ALA C 5 14.85 20.14 36.03
CA ALA C 5 14.75 21.63 35.92
C ALA C 5 13.57 22.04 35.04
N GLU C 6 13.14 21.13 34.16
CA GLU C 6 11.99 21.39 33.27
C GLU C 6 12.23 22.57 32.33
N CYS C 7 13.34 22.57 31.62
CA CYS C 7 13.67 23.65 30.69
C CYS C 7 13.26 23.31 29.26
N SER C 8 12.83 24.33 28.53
CA SER C 8 12.37 24.16 27.16
C SER C 8 13.47 24.16 26.10
N ILE C 9 13.19 23.51 24.98
CA ILE C 9 14.13 23.41 23.87
C ILE C 9 14.24 24.76 23.17
N LYS C 10 15.44 25.35 23.22
CA LYS C 10 15.69 26.64 22.59
C LYS C 10 15.76 26.50 21.09
N VAL C 11 15.32 27.53 20.38
CA VAL C 11 15.35 27.49 18.92
C VAL C 11 15.74 28.84 18.33
N MET C 12 16.88 28.86 17.65
CA MET C 12 17.39 30.06 17.00
C MET C 12 17.09 29.91 15.52
N CYS C 13 16.92 31.03 14.83
CA CYS C 13 16.65 30.99 13.40
C CYS C 13 17.67 31.78 12.59
N ARG C 14 18.39 31.08 11.71
CA ARG C 14 19.39 31.70 10.87
C ARG C 14 18.98 31.72 9.40
N PHE C 15 18.98 32.93 8.83
CA PHE C 15 18.66 33.15 7.43
C PHE C 15 19.93 33.42 6.67
N ARG C 16 20.13 32.71 5.58
CA ARG C 16 21.34 32.93 4.79
C ARG C 16 21.04 34.06 3.84
N PRO C 17 22.07 34.59 3.20
CA PRO C 17 21.87 35.70 2.25
C PRO C 17 21.41 35.18 0.89
N LEU C 18 20.89 36.08 0.06
CA LEU C 18 20.44 35.72 -1.27
C LEU C 18 21.65 35.29 -2.09
N ASN C 19 21.58 34.10 -2.66
CA ASN C 19 22.70 33.55 -3.46
C ASN C 19 22.77 34.07 -4.90
N GLU C 20 23.77 33.58 -5.65
CA GLU C 20 23.99 33.98 -7.05
C GLU C 20 22.71 34.21 -7.85
N ALA C 21 22.11 33.11 -8.29
CA ALA C 21 20.89 33.12 -9.09
C ALA C 21 19.79 34.02 -8.53
N GLU C 22 19.42 33.80 -7.27
CA GLU C 22 18.38 34.60 -6.64
C GLU C 22 18.72 36.08 -6.79
N ILE C 23 19.94 36.46 -6.41
CA ILE C 23 20.39 37.85 -6.50
C ILE C 23 20.73 38.18 -7.96
N LEU C 24 20.69 37.15 -8.80
CA LEU C 24 20.95 37.31 -10.24
C LEU C 24 19.58 37.54 -10.83
N ARG C 25 18.73 36.54 -10.69
CA ARG C 25 17.33 36.55 -11.14
C ARG C 25 16.63 37.71 -10.43
N GLY C 26 17.41 38.49 -9.68
CA GLY C 26 16.85 39.60 -8.94
C GLY C 26 16.46 39.18 -7.55
N ASP C 27 15.22 38.73 -7.39
CA ASP C 27 14.70 38.30 -6.10
C ASP C 27 14.93 39.35 -5.02
N LYS C 28 14.11 39.34 -4.00
CA LYS C 28 14.24 40.32 -2.93
C LYS C 28 14.23 39.67 -1.55
N PHE C 29 14.94 40.31 -0.63
CA PHE C 29 15.02 39.80 0.72
C PHE C 29 13.64 39.83 1.38
N ILE C 30 12.95 38.69 1.30
CA ILE C 30 11.61 38.57 1.84
C ILE C 30 11.38 38.68 3.35
N PRO C 31 12.38 38.30 4.18
CA PRO C 31 12.14 38.41 5.63
C PRO C 31 12.35 39.81 6.21
N LYS C 32 11.69 40.08 7.32
CA LYS C 32 11.79 41.39 8.01
C LYS C 32 12.05 41.13 9.49
N PHE C 33 13.17 41.59 10.01
CA PHE C 33 13.49 41.37 11.41
C PHE C 33 13.12 42.55 12.28
N LYS C 34 12.52 42.25 13.44
CA LYS C 34 12.15 43.24 14.40
C LYS C 34 12.62 42.73 15.75
N GLY C 35 13.33 43.57 16.49
CA GLY C 35 13.85 43.15 17.78
C GLY C 35 14.84 42.04 17.54
N GLU C 36 15.47 41.51 18.59
CA GLU C 36 16.42 40.44 18.42
C GLU C 36 15.81 39.04 18.43
N GLU C 37 14.49 38.94 18.35
CA GLU C 37 13.85 37.64 18.41
C GLU C 37 12.71 37.31 17.45
N THR C 38 12.19 38.28 16.69
CA THR C 38 11.08 37.97 15.79
C THR C 38 11.35 38.26 14.32
N VAL C 39 10.77 37.43 13.47
CA VAL C 39 10.93 37.60 12.03
C VAL C 39 9.54 37.52 11.40
N VAL C 40 9.32 38.27 10.34
CA VAL C 40 8.03 38.30 9.66
C VAL C 40 8.20 38.02 8.18
N ILE C 41 7.23 37.33 7.59
CA ILE C 41 7.25 37.01 6.17
C ILE C 41 6.04 37.70 5.50
N GLY C 42 6.25 38.94 5.05
CA GLY C 42 5.17 39.67 4.42
C GLY C 42 4.14 40.19 5.40
N GLN C 43 2.87 39.87 5.14
CA GLN C 43 1.80 40.34 6.01
C GLN C 43 1.33 39.24 6.95
N GLY C 44 2.14 38.18 7.02
CA GLY C 44 1.83 37.04 7.85
C GLY C 44 2.10 37.12 9.36
N LYS C 45 2.12 35.93 9.97
CA LYS C 45 2.33 35.76 11.41
C LYS C 45 3.81 35.89 11.78
N PRO C 46 4.14 36.89 12.61
CA PRO C 46 5.50 37.18 13.08
C PRO C 46 6.08 36.11 13.99
N TYR C 47 6.91 35.22 13.44
CA TYR C 47 7.50 34.15 14.23
C TYR C 47 8.54 34.65 15.21
N VAL C 48 8.36 34.25 16.46
CA VAL C 48 9.28 34.64 17.54
C VAL C 48 10.05 33.42 18.04
N PHE C 49 11.38 33.58 18.08
CA PHE C 49 12.27 32.52 18.51
C PHE C 49 13.18 32.98 19.64
N ASP C 50 13.91 32.04 20.23
CA ASP C 50 14.82 32.39 21.32
C ASP C 50 15.79 33.42 20.79
N ARG C 51 16.01 33.36 19.48
CA ARG C 51 16.87 34.32 18.81
C ARG C 51 16.74 34.17 17.32
N VAL C 52 16.81 35.28 16.61
CA VAL C 52 16.76 35.24 15.16
C VAL C 52 18.01 35.96 14.68
N LEU C 53 18.74 35.28 13.82
CA LEU C 53 20.00 35.80 13.31
C LEU C 53 19.90 36.06 11.83
N PRO C 54 19.90 37.33 11.45
CA PRO C 54 19.82 37.73 10.05
C PRO C 54 21.08 37.25 9.35
N PRO C 55 21.08 37.28 8.01
CA PRO C 55 22.22 36.86 7.21
C PRO C 55 23.53 37.39 7.75
N ASN C 56 23.52 38.68 8.08
CA ASN C 56 24.68 39.40 8.55
C ASN C 56 25.42 38.96 9.81
N THR C 57 24.71 38.51 10.84
CA THR C 57 25.41 38.09 12.05
C THR C 57 26.53 37.14 11.65
N THR C 58 27.71 37.45 12.17
CA THR C 58 28.91 36.69 11.89
C THR C 58 28.83 35.29 12.48
N GLN C 59 29.71 34.41 12.02
CA GLN C 59 29.69 33.06 12.52
C GLN C 59 30.09 33.07 13.97
N GLU C 60 31.11 33.88 14.32
CA GLU C 60 31.49 33.94 15.73
C GLU C 60 30.25 34.35 16.49
N GLN C 61 29.53 35.33 15.92
CA GLN C 61 28.30 35.83 16.52
C GLN C 61 27.29 34.72 16.69
N VAL C 62 27.08 33.96 15.62
CA VAL C 62 26.12 32.86 15.63
C VAL C 62 26.46 31.90 16.75
N TYR C 63 27.73 31.84 17.11
CA TYR C 63 28.16 30.93 18.16
C TYR C 63 27.67 31.37 19.49
N ASN C 64 28.22 32.48 19.96
CA ASN C 64 27.85 33.03 21.25
C ASN C 64 26.34 32.92 21.49
N ALA C 65 25.57 33.03 20.42
CA ALA C 65 24.12 32.98 20.49
C ALA C 65 23.52 31.61 20.75
N CYS C 66 24.13 30.56 20.20
CA CYS C 66 23.62 29.21 20.37
C CYS C 66 24.51 28.35 21.23
N ALA C 67 25.49 27.74 20.57
CA ALA C 67 26.45 26.84 21.18
C ALA C 67 27.12 27.25 22.51
N LYS C 68 27.64 28.47 22.59
CA LYS C 68 28.34 28.93 23.79
C LYS C 68 27.88 28.35 25.13
N GLN C 69 26.66 28.66 25.58
CA GLN C 69 26.18 28.14 26.85
C GLN C 69 26.08 26.62 26.91
N ILE C 70 25.77 25.98 25.79
CA ILE C 70 25.67 24.51 25.74
C ILE C 70 26.98 23.90 26.23
N VAL C 71 28.08 24.44 25.72
CA VAL C 71 29.40 24.00 26.07
C VAL C 71 29.62 24.14 27.58
N LYS C 72 28.99 25.13 28.16
CA LYS C 72 29.12 25.39 29.58
C LYS C 72 28.36 24.40 30.43
N ASP C 73 27.23 23.92 29.94
CA ASP C 73 26.44 22.94 30.68
C ASP C 73 27.01 21.55 30.55
N VAL C 74 27.50 21.18 29.37
CA VAL C 74 28.06 19.84 29.22
C VAL C 74 29.25 19.64 30.15
N LEU C 75 29.87 20.74 30.54
CA LEU C 75 31.00 20.63 31.43
C LEU C 75 30.53 20.64 32.87
N GLU C 76 29.34 21.19 33.13
CA GLU C 76 28.78 21.22 34.49
C GLU C 76 28.21 19.84 34.78
N GLY C 77 28.28 18.95 33.80
CA GLY C 77 27.78 17.59 33.98
C GLY C 77 26.45 17.31 33.32
N TYR C 78 26.06 18.17 32.37
CA TYR C 78 24.79 18.03 31.66
C TYR C 78 24.99 17.57 30.22
N ASN C 79 23.94 17.08 29.60
CA ASN C 79 24.04 16.65 28.21
C ASN C 79 23.51 17.74 27.30
N GLY C 80 24.23 18.02 26.21
CA GLY C 80 23.77 19.07 25.33
C GLY C 80 23.74 18.69 23.86
N THR C 81 22.65 19.03 23.18
CA THR C 81 22.52 18.76 21.76
C THR C 81 22.31 20.04 20.98
N ILE C 82 22.82 20.06 19.77
CA ILE C 82 22.66 21.21 18.92
C ILE C 82 22.53 20.66 17.52
N PHE C 83 21.42 20.91 16.85
CA PHE C 83 21.32 20.43 15.48
C PHE C 83 20.70 21.44 14.52
N ALA C 84 21.23 21.52 13.32
CA ALA C 84 20.73 22.45 12.33
C ALA C 84 19.73 21.82 11.36
N TYR C 85 18.47 22.23 11.49
CA TYR C 85 17.38 21.75 10.64
C TYR C 85 17.17 22.74 9.51
N GLY C 86 16.89 22.25 8.31
CA GLY C 86 16.69 23.18 7.21
C GLY C 86 16.57 22.59 5.83
N GLN C 87 15.98 23.36 4.92
CA GLN C 87 15.82 22.93 3.53
C GLN C 87 17.17 23.05 2.83
N THR C 88 17.70 21.93 2.37
CA THR C 88 18.98 21.89 1.67
C THR C 88 19.40 23.24 1.09
N SER C 89 20.64 23.61 1.36
CA SER C 89 21.21 24.86 0.88
C SER C 89 20.66 26.10 1.59
N SER C 90 20.11 25.88 2.78
CA SER C 90 19.55 26.95 3.60
C SER C 90 20.61 27.40 4.61
N GLY C 91 21.69 26.61 4.72
CA GLY C 91 22.75 26.96 5.63
C GLY C 91 23.21 25.97 6.68
N LYS C 92 22.58 24.80 6.78
CA LYS C 92 22.97 23.83 7.80
C LYS C 92 24.48 23.52 7.89
N THR C 93 25.09 23.02 6.83
CA THR C 93 26.49 22.68 6.97
C THR C 93 27.32 23.96 7.08
N HIS C 94 26.76 25.06 6.63
CA HIS C 94 27.53 26.29 6.77
C HIS C 94 27.61 26.70 8.24
N THR C 95 26.51 26.52 8.96
CA THR C 95 26.47 26.91 10.35
C THR C 95 27.01 25.83 11.26
N MET C 96 26.77 24.56 10.90
CA MET C 96 27.23 23.48 11.75
C MET C 96 28.72 23.27 11.79
N GLU C 97 29.39 23.35 10.66
CA GLU C 97 30.84 23.20 10.65
C GLU C 97 31.54 24.32 9.91
N GLY C 98 31.02 24.75 8.81
CA GLY C 98 31.42 25.14 7.47
C GLY C 98 32.56 26.13 7.44
N LYS C 99 32.51 27.01 6.40
CA LYS C 99 33.46 28.05 6.10
C LYS C 99 33.00 29.30 6.79
N LEU C 100 33.76 30.38 6.66
CA LEU C 100 33.45 31.62 7.37
C LEU C 100 32.97 32.72 6.44
N HIS C 101 31.68 33.05 6.56
CA HIS C 101 31.08 34.12 5.77
C HIS C 101 29.56 34.09 5.85
N ASP C 102 29.04 34.27 7.06
CA ASP C 102 27.59 34.26 7.25
C ASP C 102 27.17 34.38 8.72
N PRO C 103 25.97 33.89 9.01
CA PRO C 103 25.38 33.95 10.35
C PRO C 103 25.76 32.84 11.34
N GLN C 104 24.81 32.51 12.22
CA GLN C 104 25.03 31.60 13.36
C GLN C 104 25.03 30.11 13.02
N LEU C 105 24.97 29.27 14.04
CA LEU C 105 25.40 27.90 13.85
C LEU C 105 26.67 27.99 13.00
N MET C 106 27.41 29.08 13.18
CA MET C 106 28.55 29.42 12.35
C MET C 106 29.45 28.23 12.10
N GLY C 107 30.44 28.05 12.96
CA GLY C 107 31.36 26.94 12.77
C GLY C 107 31.14 26.05 13.98
N ILE C 108 29.89 25.93 14.39
CA ILE C 108 29.52 25.18 15.59
C ILE C 108 30.56 24.16 16.01
N ILE C 109 30.94 23.28 15.09
CA ILE C 109 31.84 22.17 15.38
C ILE C 109 33.24 22.61 15.86
N PRO C 110 33.97 23.32 15.01
CA PRO C 110 35.30 23.80 15.34
C PRO C 110 35.28 24.77 16.52
N ARG C 111 34.32 25.69 16.51
CA ARG C 111 34.19 26.67 17.58
C ARG C 111 33.99 26.01 18.93
N ILE C 112 33.27 24.89 18.93
CA ILE C 112 32.99 24.15 20.15
C ILE C 112 34.26 23.46 20.68
N ALA C 113 35.06 22.94 19.76
CA ALA C 113 36.30 22.26 20.11
C ALA C 113 37.19 23.15 20.96
N HIS C 114 37.40 24.38 20.51
CA HIS C 114 38.24 25.33 21.22
C HIS C 114 37.65 25.68 22.58
N ASP C 115 36.40 26.16 22.57
CA ASP C 115 35.72 26.54 23.79
C ASP C 115 35.87 25.43 24.83
N ILE C 116 35.47 24.20 24.47
CA ILE C 116 35.57 23.04 25.36
C ILE C 116 36.92 22.96 26.10
N PHE C 117 38.01 22.97 25.34
CA PHE C 117 39.36 22.86 25.92
C PHE C 117 39.86 24.11 26.60
N ASP C 118 39.56 25.28 26.05
CA ASP C 118 40.00 26.51 26.67
C ASP C 118 39.50 26.52 28.10
N HIS C 119 38.35 25.90 28.34
CA HIS C 119 37.75 25.82 29.66
C HIS C 119 38.50 24.83 30.55
N ILE C 120 38.82 23.66 30.00
CA ILE C 120 39.53 22.63 30.74
C ILE C 120 40.94 23.09 31.13
N TYR C 121 41.68 23.61 30.17
CA TYR C 121 43.03 24.06 30.42
C TYR C 121 43.09 25.01 31.62
N SER C 122 42.07 25.83 31.76
CA SER C 122 42.06 26.79 32.85
C SER C 122 41.69 26.27 34.24
N MET C 123 41.38 25.00 34.37
CA MET C 123 41.02 24.42 35.66
C MET C 123 42.23 23.79 36.37
N ASP C 124 42.17 23.72 37.69
CA ASP C 124 43.25 23.19 38.52
C ASP C 124 43.75 21.81 38.17
N GLU C 125 44.92 21.44 38.68
CA GLU C 125 45.53 20.14 38.37
C GLU C 125 44.64 18.94 38.56
N ASN C 126 43.94 18.89 39.69
CA ASN C 126 43.07 17.75 39.95
C ASN C 126 41.88 17.77 39.00
N LEU C 127 40.97 16.82 39.18
CA LEU C 127 39.83 16.69 38.29
C LEU C 127 40.38 16.55 36.86
N GLU C 128 40.66 15.31 36.49
CA GLU C 128 41.18 15.00 35.17
C GLU C 128 39.98 15.00 34.22
N PHE C 129 40.23 15.36 32.97
CA PHE C 129 39.16 15.40 31.98
C PHE C 129 39.33 14.33 30.95
N HIS C 130 38.25 13.63 30.62
CA HIS C 130 38.31 12.59 29.60
C HIS C 130 37.32 12.75 28.45
N ILE C 131 37.78 13.35 27.36
CA ILE C 131 36.93 13.56 26.20
C ILE C 131 37.23 12.56 25.09
N LYS C 132 36.18 11.96 24.52
CA LYS C 132 36.32 11.02 23.43
C LYS C 132 35.23 11.26 22.39
N VAL C 133 35.65 11.45 21.14
CA VAL C 133 34.70 11.75 20.06
C VAL C 133 34.21 10.58 19.22
N SER C 134 33.07 10.79 18.58
CA SER C 134 32.47 9.80 17.72
C SER C 134 31.98 10.57 16.53
N TYR C 135 32.40 10.17 15.35
CA TYR C 135 32.00 10.87 14.15
C TYR C 135 31.30 9.85 13.25
N PHE C 136 29.93 10.00 13.01
CA PHE C 136 29.16 9.03 12.24
C PHE C 136 28.23 9.62 11.16
N GLU C 137 27.90 8.84 10.08
CA GLU C 137 27.14 9.45 9.00
C GLU C 137 26.04 8.55 8.47
N ILE C 138 25.04 9.24 7.86
CA ILE C 138 23.79 8.92 7.19
C ILE C 138 23.06 7.68 7.67
N TYR C 139 22.01 7.94 8.48
CA TYR C 139 21.09 6.99 9.06
C TYR C 139 19.98 6.51 8.14
N LEU C 140 19.49 7.34 7.19
CA LEU C 140 18.45 6.89 6.29
C LEU C 140 18.97 5.73 5.51
N ASP C 141 20.20 5.87 4.95
CA ASP C 141 20.84 4.86 4.17
C ASP C 141 21.77 4.07 5.04
N LYS C 142 22.79 3.44 4.42
CA LYS C 142 23.73 2.67 5.21
C LYS C 142 24.54 3.60 6.05
N ILE C 143 24.43 3.40 7.39
CA ILE C 143 25.12 4.13 8.43
C ILE C 143 26.55 3.78 8.32
N ARG C 144 27.40 4.83 8.33
CA ARG C 144 28.80 4.61 8.19
C ARG C 144 29.53 5.27 9.34
N ASP C 145 30.36 4.46 10.03
CA ASP C 145 31.22 4.99 11.05
C ASP C 145 32.27 5.70 10.28
N PRO C 177 42.40 20.39 21.66
CA PRO C 177 41.47 20.72 20.59
C PRO C 177 41.92 20.13 19.26
N GLU C 178 43.22 20.18 18.99
CA GLU C 178 43.77 19.65 17.75
C GLU C 178 43.33 18.21 17.51
N GLU C 179 43.57 17.36 18.50
CA GLU C 179 43.20 15.94 18.41
C GLU C 179 41.78 15.79 17.89
N VAL C 180 40.90 16.69 18.30
CA VAL C 180 39.49 16.65 17.87
C VAL C 180 39.36 17.07 16.41
N MET C 181 40.05 18.16 16.03
CA MET C 181 40.01 18.72 14.68
C MET C 181 40.55 17.76 13.64
N ASP C 182 41.62 17.03 13.98
CA ASP C 182 42.21 16.00 13.14
C ASP C 182 41.13 14.94 12.86
N VAL C 183 40.36 14.55 13.86
CA VAL C 183 39.27 13.60 13.69
C VAL C 183 38.18 14.21 12.83
N ILE C 184 37.74 15.46 13.13
CA ILE C 184 36.60 16.10 12.42
C ILE C 184 36.97 16.12 10.93
N ASP C 185 38.24 16.47 10.63
CA ASP C 185 38.82 16.52 9.28
C ASP C 185 38.68 15.16 8.60
N GLU C 186 39.06 14.08 9.33
CA GLU C 186 38.97 12.67 8.93
C GLU C 186 37.51 12.29 8.63
N GLY C 187 36.62 12.70 9.53
CA GLY C 187 35.18 12.45 9.47
C GLY C 187 34.51 13.10 8.29
N LYS C 188 34.73 14.42 8.14
CA LYS C 188 34.20 15.26 7.05
C LYS C 188 34.56 14.61 5.72
N ALA C 189 35.77 14.14 5.65
CA ALA C 189 36.32 13.59 4.40
C ALA C 189 35.36 12.53 3.90
N ASN C 190 34.82 11.75 4.66
CA ASN C 190 34.24 10.42 4.47
C ASN C 190 32.74 10.59 4.24
N ARG C 191 32.18 11.69 4.79
CA ARG C 191 30.78 12.12 4.74
C ARG C 191 30.33 12.33 3.30
N HIS C 192 29.14 11.84 2.96
CA HIS C 192 28.47 12.12 1.68
C HIS C 192 28.28 13.61 1.26
N VAL C 193 28.32 13.90 -0.05
CA VAL C 193 28.24 15.32 -0.55
C VAL C 193 27.10 15.65 -1.57
N ALA C 194 26.27 16.65 -1.22
CA ALA C 194 24.84 16.69 -1.50
C ALA C 194 24.22 17.71 -2.50
N VAL C 195 24.33 19.00 -2.19
CA VAL C 195 23.86 20.13 -3.05
C VAL C 195 22.34 20.40 -3.16
N THR C 196 21.90 21.62 -2.83
CA THR C 196 20.52 22.05 -3.09
C THR C 196 20.28 23.47 -3.68
N ASN C 197 21.10 24.45 -3.33
CA ASN C 197 20.95 25.81 -3.88
C ASN C 197 22.17 26.75 -3.71
N MET C 198 22.69 27.22 -4.85
CA MET C 198 24.01 27.86 -5.01
C MET C 198 24.91 27.84 -3.78
N ASN C 199 25.03 26.67 -3.16
CA ASN C 199 25.78 26.59 -1.93
C ASN C 199 27.03 25.82 -2.25
N GLU C 200 28.01 25.61 -1.23
CA GLU C 200 29.13 24.70 -1.34
C GLU C 200 28.79 23.40 -0.68
N HIS C 201 29.50 22.31 -0.79
CA HIS C 201 29.29 20.88 -0.73
C HIS C 201 28.01 20.61 0.00
N SER C 202 27.09 19.98 -0.73
CA SER C 202 25.70 19.73 -0.35
C SER C 202 25.43 18.27 0.08
N SER C 203 25.19 18.12 1.37
CA SER C 203 25.07 16.84 2.08
C SER C 203 24.18 15.76 1.44
N ARG C 204 24.46 14.49 1.78
CA ARG C 204 23.60 13.34 1.46
C ARG C 204 23.29 12.39 2.62
N SER C 205 23.75 12.76 3.83
CA SER C 205 23.57 11.99 5.06
C SER C 205 23.33 12.93 6.22
N HIS C 206 22.89 12.40 7.37
CA HIS C 206 22.73 13.19 8.60
C HIS C 206 24.04 13.05 9.42
N SER C 207 24.98 13.85 9.28
CA SER C 207 26.24 13.51 9.89
C SER C 207 26.03 13.87 11.34
N ILE C 208 26.56 13.06 12.23
CA ILE C 208 26.45 13.31 13.67
C ILE C 208 27.84 13.26 14.24
N PHE C 209 28.16 14.24 15.07
CA PHE C 209 29.46 14.29 15.71
C PHE C 209 29.20 14.34 17.19
N LEU C 210 29.55 13.27 17.88
CA LEU C 210 29.33 13.16 19.32
C LEU C 210 30.57 13.43 20.17
N ILE C 211 30.39 14.26 21.20
CA ILE C 211 31.47 14.55 22.12
C ILE C 211 31.06 14.10 23.51
N ASN C 212 31.77 13.10 24.03
CA ASN C 212 31.51 12.56 25.36
C ASN C 212 32.51 13.06 26.39
N ILE C 213 32.18 14.17 27.05
CA ILE C 213 33.04 14.78 28.04
C ILE C 213 32.88 14.18 29.43
N LYS C 214 33.91 13.50 29.90
CA LYS C 214 33.91 12.87 31.23
C LYS C 214 34.77 13.68 32.18
N GLN C 215 34.39 13.73 33.44
CA GLN C 215 35.15 14.51 34.42
C GLN C 215 35.23 13.82 35.80
N GLU C 216 36.40 13.90 36.43
CA GLU C 216 36.54 13.28 37.75
C GLU C 216 37.53 13.98 38.64
N ASN C 217 37.03 14.49 39.77
CA ASN C 217 37.85 15.19 40.75
C ASN C 217 38.73 14.15 41.44
N VAL C 218 40.02 14.13 41.12
CA VAL C 218 40.92 13.13 41.70
C VAL C 218 40.92 13.11 43.22
N GLU C 219 40.88 14.29 43.83
CA GLU C 219 40.84 14.36 45.27
C GLU C 219 39.51 13.73 45.70
N THR C 220 38.44 14.54 45.75
CA THR C 220 37.11 14.07 46.13
C THR C 220 36.68 12.73 45.52
N GLU C 221 37.07 12.50 44.26
CA GLU C 221 36.73 11.27 43.51
C GLU C 221 35.36 11.33 42.84
N LYS C 222 34.63 12.42 43.05
CA LYS C 222 33.29 12.60 42.46
C LYS C 222 33.38 12.87 40.95
N LYS C 223 32.88 11.93 40.16
CA LYS C 223 32.92 12.07 38.71
C LYS C 223 31.75 12.92 38.19
N LEU C 224 31.70 13.04 36.86
CA LEU C 224 30.68 13.77 36.12
C LEU C 224 30.92 13.50 34.65
N SER C 225 29.86 13.47 33.85
CA SER C 225 30.03 13.24 32.43
C SER C 225 28.85 13.87 31.71
N GLY C 226 28.89 13.81 30.38
CA GLY C 226 27.81 14.38 29.61
C GLY C 226 28.07 14.21 28.13
N LYS C 227 27.05 13.85 27.36
CA LYS C 227 27.22 13.67 25.93
C LYS C 227 26.84 14.97 25.19
N LEU C 228 27.68 15.35 24.22
CA LEU C 228 27.43 16.54 23.42
C LEU C 228 27.22 16.21 21.95
N TYR C 229 25.96 16.06 21.56
CA TYR C 229 25.62 15.75 20.18
C TYR C 229 25.56 16.99 19.31
N LEU C 230 26.32 16.99 18.23
CA LEU C 230 26.33 18.10 17.30
C LEU C 230 25.93 17.46 16.00
N VAL C 231 24.65 17.57 15.67
CA VAL C 231 24.09 16.97 14.47
C VAL C 231 23.83 17.95 13.33
N ASP C 232 24.14 17.52 12.11
CA ASP C 232 23.85 18.30 10.91
C ASP C 232 22.81 17.57 10.06
N LEU C 233 21.54 17.94 10.23
CA LEU C 233 20.44 17.26 9.58
C LEU C 233 20.46 17.37 8.04
N ALA C 234 19.83 16.40 7.39
CA ALA C 234 19.70 16.38 5.95
C ALA C 234 18.54 17.27 5.55
N GLY C 235 18.37 17.47 4.24
CA GLY C 235 17.31 18.31 3.73
C GLY C 235 15.91 17.99 4.27
N SER C 236 15.14 19.03 4.57
CA SER C 236 13.79 18.82 5.09
C SER C 236 12.74 18.89 3.99
N GLU C 237 13.15 19.41 2.82
CA GLU C 237 12.25 19.55 1.68
C GLU C 237 11.42 18.29 1.43
N LYS C 238 10.23 18.48 0.87
CA LYS C 238 9.30 17.39 0.59
C LYS C 238 9.84 16.40 -0.45
N LYS C 257 12.52 8.69 -6.96
CA LYS C 257 12.32 7.56 -6.02
C LYS C 257 13.00 7.88 -4.71
N SER C 258 14.08 8.72 -4.66
CA SER C 258 14.67 9.12 -3.40
C SER C 258 13.71 10.01 -2.62
N LEU C 259 12.70 10.60 -3.29
CA LEU C 259 11.75 11.43 -2.56
C LEU C 259 10.63 10.54 -1.96
N SER C 260 10.27 9.44 -2.64
CA SER C 260 9.28 8.57 -1.97
C SER C 260 10.00 7.90 -0.77
N ALA C 261 11.29 7.61 -0.94
CA ALA C 261 12.10 7.01 0.11
C ALA C 261 12.18 7.98 1.27
N LEU C 262 12.42 9.28 0.99
CA LEU C 262 12.44 10.28 2.02
C LEU C 262 11.03 10.39 2.61
N GLY C 263 9.97 10.39 1.81
CA GLY C 263 8.64 10.50 2.55
C GLY C 263 8.42 9.26 3.43
N ASN C 264 8.78 8.06 2.95
CA ASN C 264 8.69 6.84 3.76
C ASN C 264 9.53 6.90 5.02
N VAL C 265 10.74 7.45 4.98
CA VAL C 265 11.57 7.61 6.15
C VAL C 265 10.94 8.58 7.14
N ILE C 266 10.45 9.76 6.70
CA ILE C 266 9.85 10.69 7.63
C ILE C 266 8.57 10.08 8.25
N SER C 267 7.74 9.47 7.46
CA SER C 267 6.49 8.85 7.93
C SER C 267 6.78 7.82 9.04
N ALA C 268 7.65 6.87 8.71
CA ALA C 268 8.09 5.87 9.70
C ALA C 268 8.61 6.49 10.97
N LEU C 269 9.49 7.50 10.89
CA LEU C 269 10.02 8.15 12.07
C LEU C 269 8.94 8.90 12.83
N ALA C 270 7.94 9.41 12.11
CA ALA C 270 6.85 10.15 12.72
C ALA C 270 6.10 9.29 13.73
N GLU C 271 5.99 8.00 13.45
CA GLU C 271 5.29 7.07 14.35
C GLU C 271 6.28 6.30 15.21
N GLY C 272 7.52 6.77 15.24
CA GLY C 272 8.56 6.12 16.02
C GLY C 272 9.20 4.96 15.30
N THR C 273 10.50 4.78 15.52
CA THR C 273 11.24 3.70 14.88
C THR C 273 11.77 2.70 15.90
N LYS C 274 12.11 1.50 15.43
CA LYS C 274 12.63 0.46 16.30
C LYS C 274 13.57 1.03 17.35
N THR C 275 14.04 0.17 18.25
CA THR C 275 14.95 0.59 19.30
C THR C 275 16.28 -0.16 19.20
N HIS C 276 16.54 -0.76 18.05
CA HIS C 276 17.77 -1.52 17.82
C HIS C 276 18.99 -0.68 18.17
N VAL C 277 20.17 -1.28 18.02
CA VAL C 277 21.42 -0.57 18.19
C VAL C 277 22.42 -0.96 17.10
N PRO C 278 21.99 -1.97 16.21
CA PRO C 278 23.02 -2.35 15.23
C PRO C 278 22.75 -1.84 13.82
N TYR C 279 21.67 -2.31 13.20
CA TYR C 279 21.47 -2.16 11.76
C TYR C 279 20.58 -0.98 11.34
N ARG C 280 19.70 -1.23 10.36
CA ARG C 280 18.81 -0.21 9.80
C ARG C 280 18.28 0.75 10.85
N ASP C 281 17.52 0.22 11.80
CA ASP C 281 17.11 1.03 12.94
C ASP C 281 18.34 1.64 13.59
N SER C 282 18.32 2.95 13.78
CA SER C 282 19.51 3.64 14.27
C SER C 282 20.00 4.61 13.16
N LYS C 283 19.27 5.68 12.90
CA LYS C 283 19.64 6.56 11.79
C LYS C 283 19.03 7.96 11.84
N MET C 284 18.89 8.58 10.67
CA MET C 284 18.38 9.94 10.54
C MET C 284 17.13 10.17 11.36
N THR C 285 16.75 11.44 11.51
CA THR C 285 15.61 11.81 12.35
C THR C 285 15.79 11.14 13.70
N ARG C 286 16.99 10.60 13.92
CA ARG C 286 17.30 9.88 15.13
C ARG C 286 18.50 10.52 15.85
N ILE C 287 19.53 10.87 15.08
CA ILE C 287 20.73 11.46 15.63
C ILE C 287 20.49 12.86 16.18
N LEU C 288 19.92 13.74 15.37
CA LEU C 288 19.64 15.07 15.87
C LEU C 288 18.28 14.99 16.59
N GLN C 289 18.09 13.90 17.32
CA GLN C 289 16.86 13.67 18.08
C GLN C 289 16.80 14.60 19.27
N ASP C 290 17.90 14.70 20.00
CA ASP C 290 17.94 15.57 21.17
C ASP C 290 18.04 17.01 20.67
N SER C 291 18.13 17.17 19.36
CA SER C 291 18.23 18.51 18.77
C SER C 291 16.86 19.02 18.35
N LEU C 292 15.84 18.17 18.48
CA LEU C 292 14.49 18.54 18.12
C LEU C 292 13.53 18.37 19.30
N GLY C 293 13.33 17.13 19.72
CA GLY C 293 12.46 16.83 20.83
C GLY C 293 12.95 15.66 21.66
N GLY C 294 12.21 15.34 22.72
CA GLY C 294 12.56 14.24 23.60
C GLY C 294 14.04 14.33 23.92
N ASN C 295 14.39 15.05 24.98
CA ASN C 295 15.73 15.57 25.08
C ASN C 295 16.41 16.09 26.43
N CYS C 296 17.55 16.92 26.34
CA CYS C 296 18.49 17.44 27.39
C CYS C 296 18.84 18.96 27.26
N ARG C 297 20.12 19.60 27.46
CA ARG C 297 19.95 20.99 27.14
C ARG C 297 20.09 21.10 25.61
N THR C 298 18.96 21.03 24.91
CA THR C 298 18.92 21.08 23.46
C THR C 298 18.76 22.46 22.85
N THR C 299 19.36 22.66 21.68
CA THR C 299 19.25 23.92 20.97
C THR C 299 19.27 23.63 19.48
N ILE C 300 18.19 24.00 18.79
CA ILE C 300 18.04 23.79 17.36
C ILE C 300 18.21 25.06 16.53
N VAL C 301 18.95 24.99 15.43
CA VAL C 301 19.11 26.18 14.59
C VAL C 301 18.48 25.96 13.22
N ILE C 302 17.21 26.27 13.10
CA ILE C 302 16.53 26.11 11.82
C ILE C 302 17.07 27.13 10.81
N CYS C 303 17.50 26.61 9.67
CA CYS C 303 18.04 27.46 8.62
C CYS C 303 16.94 27.77 7.60
N CYS C 304 16.94 29.00 7.08
CA CYS C 304 15.94 29.46 6.12
C CYS C 304 16.50 30.29 4.97
N SER C 305 15.92 30.09 3.78
CA SER C 305 16.30 30.84 2.56
C SER C 305 15.40 32.07 2.50
N PRO C 306 15.98 33.25 2.31
CA PRO C 306 15.19 34.49 2.25
C PRO C 306 14.48 34.64 0.92
N SER C 307 14.99 33.99 -0.11
CA SER C 307 14.39 34.07 -1.43
C SER C 307 12.94 33.61 -1.38
N VAL C 308 12.09 34.30 -2.13
CA VAL C 308 10.68 33.97 -2.17
C VAL C 308 10.48 32.70 -2.99
N PHE C 309 11.45 32.42 -3.85
CA PHE C 309 11.41 31.24 -4.70
C PHE C 309 11.13 30.02 -3.81
N ASN C 310 11.52 30.12 -2.54
CA ASN C 310 11.33 29.04 -1.58
C ASN C 310 10.31 29.37 -0.49
N GLU C 311 9.79 30.59 -0.51
CA GLU C 311 8.80 31.05 0.48
C GLU C 311 8.09 29.94 1.24
N ALA C 312 7.58 28.96 0.49
CA ALA C 312 6.85 27.83 1.07
C ALA C 312 7.67 27.08 2.13
N GLU C 313 8.65 26.31 1.67
CA GLU C 313 9.52 25.54 2.55
C GLU C 313 9.98 26.33 3.75
N THR C 314 10.39 27.59 3.50
CA THR C 314 10.82 28.47 4.58
C THR C 314 9.74 28.55 5.64
N LYS C 315 8.49 28.64 5.18
CA LYS C 315 7.35 28.70 6.08
C LYS C 315 7.17 27.38 6.81
N SER C 316 7.59 26.30 6.18
CA SER C 316 7.49 24.95 6.74
C SER C 316 8.53 24.79 7.85
N THR C 317 9.69 25.40 7.59
CA THR C 317 10.80 25.38 8.52
C THR C 317 10.44 26.25 9.71
N LEU C 318 10.13 27.52 9.45
CA LEU C 318 9.75 28.43 10.52
C LEU C 318 8.67 27.80 11.41
N MET C 319 7.96 26.80 10.89
CA MET C 319 6.92 26.13 11.65
C MET C 319 7.48 25.03 12.52
N PHE C 320 8.48 24.31 12.02
CA PHE C 320 9.07 23.26 12.81
C PHE C 320 9.60 23.88 14.08
N GLY C 321 10.56 24.79 13.93
CA GLY C 321 11.15 25.46 15.06
C GLY C 321 10.09 25.96 16.02
N GLN C 322 9.10 26.67 15.48
CA GLN C 322 8.03 27.19 16.31
C GLN C 322 7.39 26.08 17.15
N ARG C 323 7.03 24.98 16.50
CA ARG C 323 6.42 23.87 17.22
C ARG C 323 7.39 23.25 18.21
N ALA C 324 8.59 22.94 17.73
CA ALA C 324 9.63 22.34 18.55
C ALA C 324 9.86 23.18 19.80
N LYS C 325 9.83 24.50 19.63
CA LYS C 325 10.03 25.42 20.74
C LYS C 325 9.58 24.79 22.06
N THR C 326 8.29 24.49 22.17
CA THR C 326 7.74 23.90 23.37
C THR C 326 8.29 22.49 23.59
N ILE C 327 8.37 21.72 22.52
CA ILE C 327 8.90 20.35 22.58
C ILE C 327 8.31 19.60 23.78
N LYS C 328 7.14 19.00 23.56
CA LYS C 328 6.47 18.23 24.62
C LYS C 328 6.98 16.80 24.67
N ASN C 329 8.29 16.64 24.82
CA ASN C 329 8.90 15.33 24.89
C ASN C 329 8.13 14.37 25.77
N THR C 330 8.32 13.07 25.56
CA THR C 330 7.63 12.06 26.34
C THR C 330 8.60 11.31 27.25
MG MG D . -12.65 -5.45 -11.52
PG GTP E . -11.05 -2.47 -10.32
O1G GTP E . -11.50 -3.92 -10.37
O2G GTP E . -10.23 -2.04 -11.52
O3G GTP E . -10.48 -2.03 -8.99
O3B GTP E . -12.42 -1.64 -10.47
PB GTP E . -13.78 -2.20 -9.85
O1B GTP E . -14.14 -3.48 -10.57
O2B GTP E . -14.78 -1.08 -9.79
O3A GTP E . -13.36 -2.58 -8.33
PA GTP E . -14.26 -3.58 -7.46
O1A GTP E . -13.45 -4.02 -6.26
O2A GTP E . -14.86 -4.62 -8.38
O5' GTP E . -15.45 -2.62 -6.95
C5' GTP E . -16.38 -3.09 -5.97
C4' GTP E . -17.34 -1.96 -5.62
O4' GTP E . -18.36 -1.87 -6.61
C3' GTP E . -18.02 -2.22 -4.28
O3' GTP E . -17.73 -1.16 -3.37
C2' GTP E . -19.52 -2.26 -4.56
O2' GTP E . -20.17 -1.22 -3.83
C1' GTP E . -19.68 -2.04 -6.05
N9 GTP E . -20.33 -3.21 -6.66
C8 GTP E . -19.72 -4.34 -7.08
N7 GTP E . -20.60 -5.22 -7.60
C5 GTP E . -21.82 -4.66 -7.52
C6 GTP E . -23.20 -5.06 -7.89
O6 GTP E . -23.44 -6.17 -8.41
N1 GTP E . -24.19 -4.19 -7.64
C2 GTP E . -23.96 -2.99 -7.09
N2 GTP E . -25.02 -2.16 -6.86
N3 GTP E . -22.72 -2.56 -6.71
C4 GTP E . -21.64 -3.34 -6.91
MG MG F . 17.61 -32.54 9.37
PG G2P G . 19.05 -30.34 10.91
O1G G2P G . 18.44 -31.62 11.12
O2G G2P G . 20.30 -30.49 9.93
O3G G2P G . 19.55 -29.61 12.19
O3B G2P G . 18.03 -29.30 10.12
PB G2P G . 16.47 -29.48 9.81
O1B G2P G . 16.21 -30.96 9.25
O2B G2P G . 16.13 -28.16 9.08
C3A G2P G . 15.71 -29.63 11.20
PA G2P G . 14.10 -30.18 11.30
O1A G2P G . 13.64 -31.48 10.94
O2A G2P G . 13.46 -29.21 10.17
O5' G2P G . 13.69 -29.36 12.69
C5' G2P G . 13.25 -29.46 13.89
C4' G2P G . 12.24 -28.37 14.01
O4' G2P G . 11.08 -28.49 13.07
C3' G2P G . 11.29 -28.70 15.24
O3' G2P G . 10.46 -27.50 15.82
C2' G2P G . 10.58 -29.92 14.85
O2' G2P G . 9.85 -30.02 15.90
C1' G2P G . 9.95 -29.28 13.51
N9 G2P G . 9.59 -30.23 12.55
C8 G2P G . 10.32 -31.17 12.09
N7 G2P G . 9.76 -31.85 11.21
C5 G2P G . 8.51 -31.28 11.13
C6 G2P G . 7.28 -31.58 10.32
O6 G2P G . 7.29 -32.49 9.56
N1 G2P G . 6.19 -30.82 10.53
C2 G2P G . 6.04 -29.71 11.49
N2 G2P G . 4.71 -29.04 11.56
N3 G2P G . 7.25 -29.42 12.22
C4 G2P G . 8.44 -30.20 12.06
S SO4 H . 23.19 23.33 3.51
O1 SO4 H . 24.20 24.39 3.26
O2 SO4 H . 21.89 23.92 3.81
O3 SO4 H . 23.06 22.46 2.35
O4 SO4 H . 23.60 22.52 4.66
#